data_8PJJ
#
_entry.id   8PJJ
#
_cell.length_a   1.00
_cell.length_b   1.00
_cell.length_c   1.00
_cell.angle_alpha   90.00
_cell.angle_beta   90.00
_cell.angle_gamma   90.00
#
_symmetry.space_group_name_H-M   'P 1'
#
loop_
_entity.id
_entity.type
_entity.pdbx_description
1 polymer 'Dosage compensation regulator'
2 polymer 'SL7UUC RNA'
3 non-polymer "ADENOSINE-5'-DIPHOSPHATE"
#
loop_
_entity_poly.entity_id
_entity_poly.type
_entity_poly.pdbx_seq_one_letter_code
_entity_poly.pdbx_strand_id
1 'polypeptide(L)'
;MDIKSFLYQFCAKSQIEPKFDIRQTGPKNRQRFLCEVRVEPNTYIGVGNSTNKKDAEKNACRDFVNYLVRVGKLNTNDVP
ADAGASGGGPRTGLEGAGMAGGSGQQKRVFDGQSGPQDLGEAYRPLNHDGGDGGNRYSVIDRIQEQRDMNEAEAFDVNAA
IHGNWTIENAKERLNIYKQTNNIRDDYKYTPVGPEHARSFLAELSIYVPALNRTVTARESGSNKKSASKSCALSLVRQLF
HLNVIEPFSGTLKKKKDEQLKPYPVKLSPNLINKIDEVIKGLDLPVVNPRNIKIELDGPPIPLIVNLSRIDSSQQDGEKR
QESSVIPWAPPQANWNTWHACNIDEGELATTSIDDLSMDYERSLRDRRQNDNEYRQFLEFREKLPIAAMRSEILTAINDN
PVVIIRGNTGCGKTTQIAQYILDDYICSGQGGYANIYVTQPRRISAISVAERVARERCEQLGDTVGYSVRFESVFPRPYG
AILFCTVGVLLRKLEAGLRGVSHIIVDEIHERDVNSDFLLVILRDMVDTYPDLHVILMSATIDTTKFSKYFGICPVLEVP
GRAFPVQQFFLEDIIQMTDFVPSAESRRKRKEVEDEEQLLSEDKDEAEINYNKVCEDKYSQKTRNAMAMLSESDVSFELL
EALLMHIKSKNIPGAILVFLPGWNLIFALMKFLQNTNIFGDTSQYQILPCHSQIPRDEQRKVFEPVPEGVTKIILSTNIA
ETSITIDDIVFVIDICKARMKLFTSHNNLTSYATVWASKTNLEQRKGRAGRVRPGFCFTLCSRARFQALEDNLTPEMFRT
PLHEMALTIKLLRLGSIHHFLSKALEPPPVDAVIEAEVLLREMRCLDANDELTPLGRLLARLPIEPRLGKMMVLGAVFGC
ADLMAIMASYSSTFSEVFSLDIGQRRLANHQKALSGTKCSDHVAMIVASQMWRREKQRGEHMEARFCDWKGLQMSTMNVI
WDAKQQLLDLLQQAGFPEECMISHEVDERIDGDDPVLDVSLALLCLGLYPNICVHKEKRKVLTTESKAALLHKTSVNCSN
LAVTFPYPFFVFGEKIRTRAVSCKQLSMVSPLQVILFGSRKIDLAANNIVRVDNWLNFDIEPELAAKIGALKPALEDLIT
VACDNPSDILRLEEPYAQLVKVVKDLCVKSAGDFGLQR
;
A
2 'polyribonucleotide' GUGUAAAAUGUUGCUAGCAAAUAUAUAUGCUAGUAACGUUUUACGCCCUCUUUCUUUCUU B
#
loop_
_chem_comp.id
_chem_comp.type
_chem_comp.name
_chem_comp.formula
A RNA linking ADENOSINE-5'-MONOPHOSPHATE 'C10 H14 N5 O7 P'
ADP non-polymer ADENOSINE-5'-DIPHOSPHATE 'C10 H15 N5 O10 P2'
C RNA linking CYTIDINE-5'-MONOPHOSPHATE 'C9 H14 N3 O8 P'
G RNA linking GUANOSINE-5'-MONOPHOSPHATE 'C10 H14 N5 O8 P'
U RNA linking URIDINE-5'-MONOPHOSPHATE 'C9 H13 N2 O9 P'
#
# COMPACT_ATOMS: atom_id res chain seq x y z
N THR A 166 10.90 22.34 -40.68
CA THR A 166 9.51 22.02 -40.39
C THR A 166 8.64 23.24 -40.69
N ILE A 167 7.37 23.01 -41.02
CA ILE A 167 6.49 24.09 -41.42
C ILE A 167 5.46 24.40 -40.32
N GLU A 168 5.23 23.44 -39.43
CA GLU A 168 4.30 23.65 -38.32
C GLU A 168 5.03 24.17 -37.08
N ASN A 169 5.79 25.24 -37.29
CA ASN A 169 6.51 25.91 -36.21
C ASN A 169 6.92 27.30 -36.69
N ALA A 170 7.24 28.16 -35.72
CA ALA A 170 7.69 29.52 -35.98
C ALA A 170 6.66 30.33 -36.76
N LYS A 171 5.39 29.92 -36.71
CA LYS A 171 4.34 30.62 -37.44
C LYS A 171 3.06 30.84 -36.66
N GLU A 172 2.84 30.16 -35.52
CA GLU A 172 1.57 30.30 -34.81
C GLU A 172 1.48 31.63 -34.08
N ARG A 173 2.50 31.98 -33.30
CA ARG A 173 2.49 33.29 -32.66
C ARG A 173 2.68 34.41 -33.68
N LEU A 174 3.30 34.09 -34.82
CA LEU A 174 3.38 35.07 -35.90
C LEU A 174 1.99 35.42 -36.41
N ASN A 175 1.13 34.41 -36.59
CA ASN A 175 -0.25 34.68 -36.95
C ASN A 175 -0.95 35.47 -35.85
N ILE A 176 -0.68 35.13 -34.59
CA ILE A 176 -1.21 35.92 -33.48
C ILE A 176 -0.66 37.33 -33.52
N TYR A 177 0.64 37.47 -33.80
CA TYR A 177 1.24 38.80 -33.91
C TYR A 177 0.65 39.57 -35.08
N LYS A 178 0.38 38.90 -36.20
CA LYS A 178 -0.31 39.55 -37.32
C LYS A 178 -1.72 39.96 -36.92
N GLN A 179 -2.39 39.13 -36.12
CA GLN A 179 -3.72 39.49 -35.62
C GLN A 179 -3.66 40.76 -34.76
N THR A 180 -2.62 40.88 -33.93
CA THR A 180 -2.43 42.11 -33.15
C THR A 180 -2.12 43.30 -34.03
N ASN A 181 -1.55 43.07 -35.22
CA ASN A 181 -1.28 44.14 -36.18
C ASN A 181 -2.51 44.51 -37.00
N ASN A 182 -3.70 44.06 -36.60
CA ASN A 182 -4.95 44.32 -37.31
C ASN A 182 -4.88 43.84 -38.76
N ILE A 183 -4.25 42.69 -38.97
CA ILE A 183 -4.09 42.09 -40.28
C ILE A 183 -4.74 40.71 -40.25
N ARG A 184 -5.71 40.50 -41.13
CA ARG A 184 -6.37 39.21 -41.28
C ARG A 184 -5.90 38.45 -42.52
N ASP A 185 -4.82 38.90 -43.15
CA ASP A 185 -4.35 38.30 -44.38
C ASP A 185 -3.80 36.91 -44.15
N ASP A 186 -3.85 36.09 -45.18
CA ASP A 186 -3.32 34.73 -45.15
C ASP A 186 -2.66 34.47 -46.50
N TYR A 187 -2.24 33.23 -46.72
CA TYR A 187 -1.59 32.86 -47.98
C TYR A 187 -2.64 32.88 -49.10
N LYS A 188 -2.61 33.94 -49.90
CA LYS A 188 -3.57 34.13 -50.98
C LYS A 188 -3.06 33.42 -52.24
N TYR A 189 -3.87 32.53 -52.78
CA TYR A 189 -3.49 31.71 -53.93
C TYR A 189 -3.73 32.50 -55.21
N THR A 190 -2.68 32.70 -55.99
CA THR A 190 -2.76 33.40 -57.27
C THR A 190 -2.37 32.45 -58.40
N PRO A 191 -3.31 32.01 -59.24
CA PRO A 191 -2.94 31.11 -60.33
C PRO A 191 -1.98 31.77 -61.31
N VAL A 192 -1.02 30.98 -61.80
CA VAL A 192 -0.03 31.44 -62.75
C VAL A 192 0.08 30.41 -63.88
N GLY A 193 -0.12 30.86 -65.11
CA GLY A 193 0.07 30.02 -66.27
C GLY A 193 -1.22 29.40 -66.78
N PRO A 194 -1.17 28.87 -68.00
CA PRO A 194 -2.35 28.24 -68.60
C PRO A 194 -2.55 26.84 -68.04
N GLU A 195 -3.63 26.18 -68.49
CA GLU A 195 -4.04 24.91 -67.91
C GLU A 195 -3.05 23.78 -68.18
N HIS A 196 -1.95 24.04 -68.89
CA HIS A 196 -0.89 23.05 -69.00
C HIS A 196 0.40 23.50 -68.31
N ALA A 197 0.58 24.79 -68.07
CA ALA A 197 1.73 25.33 -67.35
C ALA A 197 1.28 26.05 -66.09
N ARG A 198 0.12 25.67 -65.58
CA ARG A 198 -0.44 26.30 -64.38
C ARG A 198 0.38 25.97 -63.15
N SER A 199 0.58 26.96 -62.30
CA SER A 199 1.27 26.81 -61.01
C SER A 199 0.63 27.79 -60.03
N PHE A 200 0.57 27.38 -58.77
CA PHE A 200 -0.12 28.13 -57.73
C PHE A 200 0.89 28.88 -56.86
N LEU A 201 0.62 30.17 -56.65
CA LEU A 201 1.50 31.06 -55.91
C LEU A 201 0.75 31.64 -54.73
N ALA A 202 1.36 31.55 -53.54
CA ALA A 202 0.78 32.08 -52.32
C ALA A 202 1.52 33.35 -51.91
N GLU A 203 0.78 34.27 -51.29
CA GLU A 203 1.32 35.55 -50.87
C GLU A 203 0.96 35.80 -49.41
N LEU A 204 1.97 36.14 -48.60
CA LEU A 204 1.75 36.54 -47.22
C LEU A 204 2.92 37.40 -46.79
N SER A 205 2.66 38.65 -46.43
CA SER A 205 3.70 39.62 -46.09
C SER A 205 3.59 40.00 -44.63
N ILE A 206 4.74 40.05 -43.96
CA ILE A 206 4.84 40.46 -42.56
C ILE A 206 5.73 41.70 -42.48
N TYR A 207 5.21 42.76 -41.87
CA TYR A 207 5.94 44.01 -41.71
C TYR A 207 6.33 44.19 -40.26
N VAL A 208 7.60 44.52 -40.03
CA VAL A 208 8.11 44.77 -38.68
C VAL A 208 8.45 46.25 -38.55
N PRO A 209 7.60 47.06 -37.93
CA PRO A 209 7.93 48.49 -37.79
C PRO A 209 9.19 48.75 -36.98
N ALA A 210 9.51 47.88 -36.04
CA ALA A 210 10.70 48.09 -35.21
C ALA A 210 11.97 48.03 -36.02
N LEU A 211 12.07 47.09 -36.97
CA LEU A 211 13.27 46.92 -37.77
C LEU A 211 13.15 47.45 -39.19
N ASN A 212 11.93 47.66 -39.69
CA ASN A 212 11.70 48.14 -41.05
C ASN A 212 12.38 47.23 -42.08
N ARG A 213 12.31 45.92 -41.84
CA ARG A 213 12.89 44.91 -42.73
C ARG A 213 11.76 43.95 -43.11
N THR A 214 11.05 44.28 -44.18
CA THR A 214 9.88 43.51 -44.57
C THR A 214 10.27 42.12 -45.05
N VAL A 215 9.49 41.13 -44.62
CA VAL A 215 9.65 39.75 -45.07
C VAL A 215 8.37 39.32 -45.76
N THR A 216 8.51 38.45 -46.76
CA THR A 216 7.38 38.00 -47.55
C THR A 216 7.64 36.58 -48.03
N ALA A 217 6.56 35.90 -48.42
CA ALA A 217 6.62 34.55 -48.95
C ALA A 217 6.00 34.53 -50.33
N ARG A 218 6.84 34.37 -51.36
CA ARG A 218 6.39 34.28 -52.75
C ARG A 218 7.17 33.14 -53.39
N GLU A 219 6.61 31.93 -53.32
CA GLU A 219 7.21 30.75 -53.90
C GLU A 219 6.16 29.96 -54.65
N SER A 220 6.50 29.55 -55.86
CA SER A 220 5.59 28.78 -56.69
C SER A 220 5.32 27.41 -56.08
N GLY A 221 4.11 26.93 -56.27
CA GLY A 221 3.71 25.64 -55.71
C GLY A 221 2.77 24.92 -56.64
N SER A 222 2.86 23.59 -56.61
CA SER A 222 1.99 22.78 -57.47
C SER A 222 0.53 22.97 -57.11
N ASN A 223 0.11 22.55 -55.92
CA ASN A 223 -1.28 22.65 -55.50
C ASN A 223 -1.46 23.93 -54.68
N LYS A 224 -2.72 24.30 -54.46
CA LYS A 224 -2.99 25.53 -53.70
C LYS A 224 -2.38 25.45 -52.32
N LYS A 225 -2.46 24.28 -51.68
CA LYS A 225 -1.74 24.09 -50.43
C LYS A 225 -0.24 24.20 -50.65
N SER A 226 0.28 23.54 -51.69
CA SER A 226 1.73 23.58 -51.94
C SER A 226 2.21 25.00 -52.20
N ALA A 227 1.33 25.85 -52.75
CA ALA A 227 1.64 27.28 -52.80
C ALA A 227 1.90 27.81 -51.40
N SER A 228 1.01 27.49 -50.46
CA SER A 228 1.25 27.87 -49.06
C SER A 228 2.29 26.95 -48.41
N LYS A 229 2.29 25.67 -48.79
CA LYS A 229 3.23 24.72 -48.19
C LYS A 229 4.67 25.13 -48.46
N SER A 230 4.96 25.55 -49.70
CA SER A 230 6.30 26.02 -50.03
C SER A 230 6.56 27.40 -49.45
N CYS A 231 5.56 28.30 -49.52
CA CYS A 231 5.75 29.65 -49.01
C CYS A 231 5.91 29.66 -47.50
N ALA A 232 5.07 28.92 -46.78
CA ALA A 232 5.15 28.93 -45.32
C ALA A 232 6.48 28.39 -44.82
N LEU A 233 6.97 27.32 -45.44
CA LEU A 233 8.28 26.79 -45.07
C LEU A 233 9.38 27.82 -45.32
N SER A 234 9.33 28.47 -46.49
CA SER A 234 10.28 29.54 -46.77
C SER A 234 10.06 30.74 -45.84
N LEU A 235 8.79 31.11 -45.63
CA LEU A 235 8.49 32.24 -44.76
C LEU A 235 9.09 32.05 -43.37
N VAL A 236 9.05 30.81 -42.86
CA VAL A 236 9.72 30.51 -41.60
C VAL A 236 11.23 30.68 -41.74
N ARG A 237 11.78 30.29 -42.88
CA ARG A 237 13.24 30.25 -43.03
C ARG A 237 13.86 31.64 -42.94
N GLN A 238 13.37 32.59 -43.76
CA GLN A 238 13.96 33.92 -43.75
C GLN A 238 13.53 34.74 -42.54
N LEU A 239 12.30 34.56 -42.06
CA LEU A 239 11.87 35.30 -40.89
C LEU A 239 12.58 34.83 -39.62
N PHE A 240 13.00 33.56 -39.57
CA PHE A 240 13.88 33.13 -38.49
C PHE A 240 15.28 33.70 -38.66
N HIS A 241 15.72 33.92 -39.90
CA HIS A 241 16.99 34.60 -40.13
C HIS A 241 16.94 36.04 -39.65
N LEU A 242 15.74 36.62 -39.55
CA LEU A 242 15.59 37.96 -38.98
C LEU A 242 15.96 38.01 -37.51
N ASN A 243 15.96 36.86 -36.83
CA ASN A 243 16.32 36.76 -35.42
C ASN A 243 15.44 37.64 -34.55
N VAL A 244 14.12 37.56 -34.80
CA VAL A 244 13.16 38.36 -34.05
C VAL A 244 12.05 37.52 -33.44
N ILE A 245 11.77 36.32 -33.93
CA ILE A 245 10.65 35.52 -33.45
C ILE A 245 11.17 34.42 -32.55
N GLU A 246 10.31 33.95 -31.65
CA GLU A 246 10.61 32.80 -30.80
C GLU A 246 10.27 31.52 -31.55
N PRO A 247 11.16 30.55 -31.63
CA PRO A 247 10.91 29.35 -32.44
C PRO A 247 9.76 28.51 -31.87
N PHE A 248 9.13 27.77 -32.79
CA PHE A 248 8.04 26.82 -32.54
C PHE A 248 6.72 27.51 -32.19
N SER A 249 6.76 28.81 -31.93
CA SER A 249 5.58 29.66 -31.82
C SER A 249 4.41 29.05 -31.05
N GLY A 250 4.70 28.20 -30.08
CA GLY A 250 3.62 27.52 -29.39
C GLY A 250 3.61 27.73 -27.89
N THR A 251 2.56 27.19 -27.24
CA THR A 251 2.45 27.22 -25.79
C THR A 251 3.16 26.02 -25.15
N LEU A 252 4.09 25.42 -25.88
CA LEU A 252 4.80 24.25 -25.39
C LEU A 252 5.74 24.65 -24.25
N LYS A 253 6.28 23.62 -23.58
CA LYS A 253 7.24 23.76 -22.49
C LYS A 253 6.57 24.29 -21.22
N LYS A 254 7.04 23.84 -20.06
CA LYS A 254 6.49 24.26 -18.78
C LYS A 254 7.64 24.69 -17.89
N LYS A 255 7.32 25.38 -16.79
CA LYS A 255 8.35 26.04 -15.98
C LYS A 255 8.11 25.78 -14.49
N LYS A 256 7.05 25.02 -14.18
CA LYS A 256 6.57 24.78 -12.82
C LYS A 256 6.35 26.10 -12.11
N ASP A 257 5.34 26.84 -12.58
CA ASP A 257 5.08 28.22 -12.19
C ASP A 257 5.41 28.48 -10.73
N GLU A 258 6.20 29.53 -10.51
CA GLU A 258 6.76 29.90 -9.21
C GLU A 258 5.70 30.54 -8.35
N GLN A 259 6.09 31.16 -7.24
CA GLN A 259 5.13 31.67 -6.26
C GLN A 259 4.35 32.85 -6.86
N LEU A 260 3.42 32.50 -7.74
CA LEU A 260 2.54 33.45 -8.42
C LEU A 260 1.87 34.36 -7.39
N LYS A 261 1.32 33.77 -6.33
CA LYS A 261 1.06 34.52 -5.10
C LYS A 261 0.93 33.56 -3.92
N PRO A 262 1.77 33.68 -2.92
CA PRO A 262 1.48 33.06 -1.63
C PRO A 262 0.83 34.08 -0.70
N TYR A 263 0.39 33.64 0.46
CA TYR A 263 0.02 34.60 1.50
C TYR A 263 1.24 34.71 2.40
N PRO A 264 2.16 35.64 2.11
CA PRO A 264 3.54 35.48 2.57
C PRO A 264 3.70 35.35 4.08
N VAL A 265 3.36 36.41 4.82
CA VAL A 265 3.22 36.29 6.27
C VAL A 265 1.89 36.89 6.70
N LYS A 266 1.70 38.19 6.46
CA LYS A 266 0.48 38.91 6.80
C LYS A 266 -0.02 38.57 8.20
N LEU A 267 0.83 38.88 9.19
CA LEU A 267 0.47 38.84 10.60
C LEU A 267 0.62 40.22 11.22
N SER A 268 -0.04 40.42 12.35
CA SER A 268 0.08 41.66 13.07
C SER A 268 1.45 41.76 13.74
N PRO A 269 1.93 42.98 14.00
CA PRO A 269 3.19 43.13 14.75
C PRO A 269 3.09 42.58 16.16
N ASN A 270 1.89 42.43 16.71
CA ASN A 270 1.73 41.78 18.00
C ASN A 270 2.26 40.35 17.96
N LEU A 271 1.95 39.63 16.87
CA LEU A 271 2.52 38.30 16.70
C LEU A 271 4.04 38.35 16.61
N ILE A 272 4.57 39.38 15.95
CA ILE A 272 6.03 39.52 15.84
C ILE A 272 6.65 39.69 17.22
N ASN A 273 6.07 40.56 18.04
CA ASN A 273 6.57 40.76 19.39
C ASN A 273 6.44 39.49 20.24
N LYS A 274 5.32 38.78 20.08
CA LYS A 274 5.15 37.54 20.82
C LYS A 274 6.20 36.51 20.44
N ILE A 275 6.48 36.38 19.13
CA ILE A 275 7.52 35.45 18.70
C ILE A 275 8.88 35.88 19.20
N ASP A 276 9.16 37.19 19.20
CA ASP A 276 10.44 37.68 19.68
C ASP A 276 10.63 37.38 21.17
N GLU A 277 9.61 37.62 21.98
CA GLU A 277 9.73 37.33 23.40
C GLU A 277 9.73 35.83 23.68
N VAL A 278 9.10 35.03 22.80
CA VAL A 278 9.17 33.59 22.93
C VAL A 278 10.58 33.08 22.70
N ILE A 279 11.20 33.53 21.61
CA ILE A 279 12.56 33.06 21.29
C ILE A 279 13.55 33.61 22.30
N LYS A 280 13.36 34.84 22.76
CA LYS A 280 14.16 35.35 23.86
C LYS A 280 13.76 34.76 25.21
N GLY A 281 12.53 34.24 25.32
CA GLY A 281 12.14 33.49 26.50
C GLY A 281 12.70 32.10 26.58
N LEU A 282 13.27 31.60 25.48
CA LEU A 282 13.93 30.31 25.45
C LEU A 282 15.39 30.39 25.06
N ASP A 283 15.83 31.50 24.46
CA ASP A 283 17.23 31.75 24.12
C ASP A 283 17.78 30.67 23.19
N LEU A 284 17.20 30.59 22.00
CA LEU A 284 17.66 29.69 20.96
C LEU A 284 18.25 30.50 19.82
N PRO A 285 19.58 30.57 19.68
CA PRO A 285 20.16 31.43 18.65
C PRO A 285 19.87 30.93 17.24
N VAL A 286 19.71 31.88 16.32
CA VAL A 286 19.52 31.58 14.91
C VAL A 286 20.25 32.65 14.10
N VAL A 287 20.72 32.26 12.92
CA VAL A 287 21.48 33.15 12.05
C VAL A 287 20.51 34.02 11.25
N ASN A 288 20.77 35.32 11.25
CA ASN A 288 19.99 36.28 10.47
C ASN A 288 20.91 37.02 9.50
N PRO A 289 20.93 36.65 8.21
CA PRO A 289 21.79 37.29 7.21
C PRO A 289 21.34 38.70 6.87
N GLU A 322 25.29 -6.76 25.70
CA GLU A 322 25.60 -6.53 24.30
C GLU A 322 24.50 -7.12 23.40
N SER A 323 24.79 -8.27 22.80
CA SER A 323 23.83 -8.96 21.93
C SER A 323 23.14 -10.04 22.75
N SER A 324 22.20 -9.61 23.59
CA SER A 324 21.46 -10.52 24.44
C SER A 324 20.38 -11.24 23.64
N VAL A 325 19.61 -12.07 24.34
CA VAL A 325 18.49 -12.80 23.75
C VAL A 325 17.28 -12.64 24.66
N ILE A 326 16.10 -12.88 24.10
CA ILE A 326 14.86 -12.76 24.86
C ILE A 326 14.81 -13.88 25.89
N PRO A 327 14.15 -13.67 27.03
CA PRO A 327 13.96 -14.78 27.97
C PRO A 327 12.95 -15.79 27.44
N TRP A 328 13.22 -17.06 27.72
CA TRP A 328 12.29 -18.13 27.40
C TRP A 328 12.24 -19.12 28.54
N ALA A 329 11.05 -19.65 28.81
CA ALA A 329 10.85 -20.67 29.82
C ALA A 329 9.87 -21.71 29.29
N PRO A 330 9.96 -22.94 29.75
CA PRO A 330 8.94 -23.94 29.43
C PRO A 330 7.63 -23.58 30.13
N PRO A 331 6.54 -24.30 29.85
CA PRO A 331 5.29 -24.01 30.57
C PRO A 331 5.48 -24.11 32.08
N GLN A 332 5.01 -23.06 32.77
CA GLN A 332 5.17 -22.97 34.22
C GLN A 332 3.81 -22.69 34.84
N ALA A 333 3.57 -23.31 36.00
CA ALA A 333 2.28 -23.18 36.66
C ALA A 333 2.04 -21.74 37.11
N ASN A 334 0.77 -21.35 37.14
CA ASN A 334 0.34 -20.02 37.58
C ASN A 334 0.96 -18.91 36.73
N TRP A 335 1.21 -19.19 35.45
CA TRP A 335 1.76 -18.21 34.52
C TRP A 335 1.02 -18.30 33.19
N ASN A 336 0.77 -17.14 32.59
CA ASN A 336 0.18 -17.05 31.27
C ASN A 336 1.24 -16.57 30.28
N THR A 337 1.40 -17.31 29.18
CA THR A 337 2.49 -17.05 28.25
C THR A 337 2.20 -15.92 27.28
N TRP A 338 0.92 -15.61 27.02
CA TRP A 338 0.61 -14.56 26.08
C TRP A 338 0.44 -13.20 26.75
N HIS A 339 -0.09 -13.17 27.96
CA HIS A 339 -0.26 -11.91 28.69
C HIS A 339 0.96 -11.51 29.50
N ALA A 340 2.03 -12.31 29.45
CA ALA A 340 3.32 -11.94 30.04
C ALA A 340 3.21 -11.63 31.54
N CYS A 341 2.38 -12.40 32.23
CA CYS A 341 2.17 -12.16 33.66
C CYS A 341 1.69 -13.45 34.30
N ASN A 342 1.77 -13.47 35.64
CA ASN A 342 1.21 -14.54 36.44
C ASN A 342 -0.19 -14.13 36.88
N ILE A 343 -1.17 -14.99 36.57
CA ILE A 343 -2.55 -14.67 36.94
C ILE A 343 -2.69 -14.60 38.45
N ASP A 344 -2.10 -15.56 39.16
CA ASP A 344 -2.09 -15.62 40.63
C ASP A 344 -3.50 -15.60 41.23
N GLU A 345 -4.49 -16.02 40.46
CA GLU A 345 -5.87 -16.03 40.93
C GLU A 345 -6.66 -17.05 40.13
N GLY A 346 -7.82 -17.42 40.67
CA GLY A 346 -8.69 -18.37 40.01
C GLY A 346 -8.48 -19.79 40.49
N GLU A 347 -8.16 -20.70 39.56
CA GLU A 347 -7.91 -22.09 39.89
C GLU A 347 -6.48 -22.54 39.64
N LEU A 348 -5.80 -21.96 38.65
CA LEU A 348 -4.45 -22.40 38.32
C LEU A 348 -3.46 -22.10 39.45
N ALA A 349 -3.77 -21.11 40.29
CA ALA A 349 -2.88 -20.79 41.40
C ALA A 349 -2.77 -21.94 42.39
N THR A 350 -3.74 -22.86 42.41
CA THR A 350 -3.70 -24.02 43.28
C THR A 350 -3.84 -25.33 42.51
N THR A 351 -3.75 -25.29 41.19
CA THR A 351 -3.90 -26.48 40.34
C THR A 351 -2.66 -26.65 39.48
N SER A 352 -2.13 -27.87 39.46
CA SER A 352 -0.97 -28.18 38.66
C SER A 352 -1.35 -28.29 37.18
N ILE A 353 -0.35 -28.07 36.31
CA ILE A 353 -0.56 -28.20 34.88
C ILE A 353 -0.87 -29.65 34.49
N ASP A 354 -0.43 -30.63 35.30
CA ASP A 354 -0.77 -32.02 35.03
C ASP A 354 -2.27 -32.24 35.10
N ASP A 355 -2.94 -31.59 36.05
CA ASP A 355 -4.40 -31.68 36.12
C ASP A 355 -5.04 -31.06 34.88
N LEU A 356 -4.46 -29.96 34.38
CA LEU A 356 -4.97 -29.36 33.14
C LEU A 356 -4.80 -30.32 31.97
N SER A 357 -3.66 -31.02 31.91
CA SER A 357 -3.46 -32.01 30.86
C SER A 357 -4.47 -33.14 30.97
N MET A 358 -4.74 -33.59 32.20
CA MET A 358 -5.76 -34.63 32.40
C MET A 358 -7.13 -34.15 31.95
N ASP A 359 -7.47 -32.90 32.27
CA ASP A 359 -8.77 -32.35 31.86
C ASP A 359 -8.88 -32.27 30.34
N TYR A 360 -7.82 -31.81 29.68
CA TYR A 360 -7.86 -31.74 28.22
C TYR A 360 -7.95 -33.14 27.61
N GLU A 361 -7.25 -34.11 28.19
CA GLU A 361 -7.29 -35.48 27.68
C GLU A 361 -8.67 -36.08 27.83
N ARG A 362 -9.32 -35.89 28.99
CA ARG A 362 -10.67 -36.42 29.14
C ARG A 362 -11.67 -35.67 28.27
N SER A 363 -11.44 -34.38 28.03
CA SER A 363 -12.29 -33.65 27.08
C SER A 363 -12.16 -34.23 25.69
N LEU A 364 -10.93 -34.55 25.26
CA LEU A 364 -10.73 -35.18 23.96
C LEU A 364 -11.38 -36.55 23.92
N ARG A 365 -11.29 -37.31 25.01
CA ARG A 365 -11.91 -38.64 25.06
C ARG A 365 -13.42 -38.53 24.92
N ASP A 366 -14.04 -37.59 25.63
CA ASP A 366 -15.47 -37.39 25.52
C ASP A 366 -15.86 -36.94 24.12
N ARG A 367 -15.06 -36.05 23.52
CA ARG A 367 -15.29 -35.61 22.15
C ARG A 367 -15.27 -36.80 21.19
N ARG A 368 -14.28 -37.68 21.35
CA ARG A 368 -14.23 -38.89 20.53
C ARG A 368 -15.44 -39.77 20.78
N GLN A 369 -15.94 -39.78 22.02
CA GLN A 369 -17.12 -40.58 22.34
C GLN A 369 -18.37 -40.07 21.63
N ASN A 370 -18.59 -38.75 21.64
CA ASN A 370 -19.90 -38.21 21.24
C ASN A 370 -19.87 -37.37 19.98
N ASP A 371 -18.83 -36.57 19.75
CA ASP A 371 -18.86 -35.54 18.72
C ASP A 371 -18.76 -36.18 17.34
N ASN A 372 -19.92 -36.45 16.72
CA ASN A 372 -19.95 -37.14 15.44
C ASN A 372 -19.50 -36.25 14.29
N GLU A 373 -19.88 -34.98 14.29
CA GLU A 373 -19.37 -34.07 13.27
C GLU A 373 -17.86 -33.91 13.40
N TYR A 374 -17.32 -34.03 14.61
CA TYR A 374 -15.87 -34.11 14.75
C TYR A 374 -15.32 -35.37 14.10
N ARG A 375 -16.06 -36.48 14.18
CA ARG A 375 -15.64 -37.70 13.50
C ARG A 375 -15.57 -37.50 11.99
N GLN A 376 -16.63 -36.94 11.39
CA GLN A 376 -16.62 -36.73 9.95
C GLN A 376 -15.50 -35.77 9.54
N PHE A 377 -15.30 -34.71 10.32
CA PHE A 377 -14.17 -33.82 10.06
C PHE A 377 -12.85 -34.56 10.16
N LEU A 378 -12.75 -35.54 11.05
CA LEU A 378 -11.45 -36.19 11.21
C LEU A 378 -11.16 -37.20 10.10
N GLU A 379 -12.17 -37.89 9.52
CA GLU A 379 -11.77 -38.64 8.32
C GLU A 379 -11.58 -37.72 7.13
N PHE A 380 -12.21 -36.54 7.14
CA PHE A 380 -11.87 -35.55 6.13
C PHE A 380 -10.41 -35.14 6.23
N ARG A 381 -9.92 -34.98 7.46
CA ARG A 381 -8.52 -34.64 7.67
C ARG A 381 -7.60 -35.82 7.40
N GLU A 382 -8.07 -37.05 7.65
CA GLU A 382 -7.24 -38.23 7.43
C GLU A 382 -7.06 -38.52 5.94
N LYS A 383 -8.15 -38.43 5.17
CA LYS A 383 -8.03 -38.59 3.72
C LYS A 383 -7.22 -37.47 3.10
N LEU A 384 -7.07 -36.35 3.79
CA LEU A 384 -6.19 -35.30 3.34
C LEU A 384 -4.75 -35.81 3.33
N PRO A 385 -3.97 -35.49 2.28
CA PRO A 385 -2.69 -36.18 2.06
C PRO A 385 -1.68 -36.00 3.18
N ILE A 386 -1.76 -34.91 3.95
CA ILE A 386 -0.77 -34.66 4.99
C ILE A 386 -0.81 -35.74 6.06
N ALA A 387 -1.98 -36.35 6.27
CA ALA A 387 -2.16 -37.32 7.34
C ALA A 387 -1.43 -38.64 7.09
N ALA A 388 -0.89 -38.85 5.88
CA ALA A 388 -0.26 -40.13 5.57
C ALA A 388 0.96 -40.38 6.44
N MET A 389 1.81 -39.37 6.62
CA MET A 389 3.06 -39.49 7.37
C MET A 389 2.97 -38.84 8.75
N ARG A 390 1.79 -38.93 9.38
CA ARG A 390 1.58 -38.36 10.71
C ARG A 390 2.57 -38.87 11.74
N SER A 391 2.74 -40.19 11.80
CA SER A 391 3.61 -40.78 12.81
C SER A 391 5.04 -40.30 12.66
N GLU A 392 5.56 -40.33 11.44
CA GLU A 392 6.95 -39.95 11.24
C GLU A 392 7.16 -38.45 11.46
N ILE A 393 6.19 -37.61 11.09
CA ILE A 393 6.38 -36.19 11.34
C ILE A 393 6.31 -35.90 12.83
N LEU A 394 5.40 -36.56 13.56
CA LEU A 394 5.31 -36.31 15.00
C LEU A 394 6.52 -36.83 15.75
N THR A 395 7.15 -37.91 15.28
CA THR A 395 8.41 -38.33 15.87
C THR A 395 9.56 -37.39 15.51
N ALA A 396 9.62 -36.93 14.26
CA ALA A 396 10.72 -36.08 13.83
C ALA A 396 10.69 -34.71 14.49
N ILE A 397 9.51 -34.15 14.71
CA ILE A 397 9.43 -32.82 15.31
C ILE A 397 9.99 -32.84 16.73
N ASN A 398 9.74 -33.92 17.47
CA ASN A 398 10.36 -34.08 18.78
C ASN A 398 11.83 -34.42 18.66
N ASP A 399 12.20 -35.17 17.61
CA ASP A 399 13.60 -35.53 17.43
C ASP A 399 14.44 -34.37 16.90
N ASN A 400 13.81 -33.42 16.21
CA ASN A 400 14.59 -32.37 15.55
C ASN A 400 14.17 -31.00 16.04
N PRO A 401 15.13 -30.12 16.35
CA PRO A 401 14.78 -28.75 16.77
C PRO A 401 14.15 -27.95 15.65
N VAL A 402 14.78 -27.95 14.48
CA VAL A 402 14.29 -27.24 13.30
C VAL A 402 13.80 -28.29 12.31
N VAL A 403 12.51 -28.22 11.98
CA VAL A 403 11.87 -29.16 11.07
C VAL A 403 11.30 -28.38 9.90
N ILE A 404 11.69 -28.75 8.68
CA ILE A 404 11.17 -28.14 7.47
C ILE A 404 10.24 -29.14 6.80
N ILE A 405 9.00 -28.73 6.54
CA ILE A 405 7.99 -29.58 5.94
C ILE A 405 7.75 -29.10 4.52
N ARG A 406 7.86 -30.02 3.57
CA ARG A 406 7.70 -29.72 2.15
C ARG A 406 6.52 -30.51 1.62
N GLY A 407 5.40 -29.81 1.41
CA GLY A 407 4.20 -30.43 0.85
C GLY A 407 3.52 -29.50 -0.12
N ASN A 408 3.17 -30.00 -1.30
CA ASN A 408 2.72 -29.15 -2.39
C ASN A 408 1.45 -28.37 -2.03
N THR A 409 1.19 -27.33 -2.81
CA THR A 409 0.09 -26.41 -2.52
C THR A 409 -1.25 -27.15 -2.59
N GLY A 410 -2.17 -26.74 -1.72
CA GLY A 410 -3.46 -27.38 -1.63
C GLY A 410 -3.53 -28.58 -0.73
N CYS A 411 -2.40 -29.01 -0.16
CA CYS A 411 -2.39 -30.17 0.72
C CYS A 411 -3.11 -29.91 2.03
N GLY A 412 -3.33 -28.64 2.39
CA GLY A 412 -4.14 -28.33 3.56
C GLY A 412 -3.50 -28.65 4.89
N LYS A 413 -2.17 -28.66 4.95
CA LYS A 413 -1.49 -28.90 6.23
C LYS A 413 -1.66 -27.73 7.19
N THR A 414 -2.01 -26.55 6.70
CA THR A 414 -2.18 -25.38 7.57
C THR A 414 -3.17 -25.68 8.69
N THR A 415 -4.32 -26.27 8.34
CA THR A 415 -5.38 -26.51 9.30
C THR A 415 -5.16 -27.76 10.14
N GLN A 416 -4.12 -28.55 9.87
CA GLN A 416 -4.00 -29.87 10.47
C GLN A 416 -2.71 -30.12 11.23
N ILE A 417 -1.60 -29.45 10.90
CA ILE A 417 -0.34 -29.75 11.57
C ILE A 417 -0.41 -29.39 13.06
N ALA A 418 -0.97 -28.21 13.37
CA ALA A 418 -1.10 -27.82 14.77
C ALA A 418 -2.07 -28.73 15.53
N GLN A 419 -3.17 -29.11 14.88
CA GLN A 419 -4.12 -30.01 15.51
C GLN A 419 -3.49 -31.36 15.80
N TYR A 420 -2.71 -31.88 14.85
CA TYR A 420 -2.02 -33.14 15.06
C TYR A 420 -1.01 -33.03 16.20
N ILE A 421 -0.29 -31.91 16.26
CA ILE A 421 0.69 -31.72 17.33
C ILE A 421 0.00 -31.71 18.68
N LEU A 422 -1.11 -30.98 18.81
CA LEU A 422 -1.79 -30.91 20.09
C LEU A 422 -2.40 -32.26 20.47
N ASP A 423 -2.94 -32.98 19.48
CA ASP A 423 -3.48 -34.31 19.76
C ASP A 423 -2.39 -35.26 20.23
N ASP A 424 -1.20 -35.18 19.61
CA ASP A 424 -0.10 -36.02 20.04
C ASP A 424 0.36 -35.66 21.45
N TYR A 425 0.41 -34.36 21.76
CA TYR A 425 0.83 -33.94 23.08
C TYR A 425 -0.19 -34.33 24.15
N ILE A 426 -1.47 -34.36 23.81
CA ILE A 426 -2.48 -34.66 24.82
C ILE A 426 -2.76 -36.15 24.96
N CYS A 427 -2.56 -36.94 23.90
CA CYS A 427 -2.74 -38.39 24.03
C CYS A 427 -1.65 -39.01 24.90
N SER A 428 -0.54 -38.31 25.10
CA SER A 428 0.51 -38.74 26.00
C SER A 428 0.27 -38.28 27.44
N GLY A 429 -0.81 -37.56 27.69
CA GLY A 429 -1.12 -37.07 29.02
C GLY A 429 -0.38 -35.82 29.44
N GLN A 430 0.25 -35.12 28.49
CA GLN A 430 0.99 -33.90 28.82
C GLN A 430 0.65 -32.77 27.86
N GLY A 431 -0.54 -32.80 27.27
CA GLY A 431 -0.97 -31.71 26.41
C GLY A 431 -1.11 -30.39 27.15
N GLY A 432 -1.52 -30.45 28.42
CA GLY A 432 -1.55 -29.24 29.22
C GLY A 432 -0.19 -28.61 29.37
N TYR A 433 0.86 -29.43 29.46
CA TYR A 433 2.23 -28.94 29.49
C TYR A 433 2.71 -28.64 28.07
N ALA A 434 1.91 -27.86 27.33
CA ALA A 434 2.26 -27.50 25.97
C ALA A 434 1.37 -26.37 25.47
N ASN A 435 1.98 -25.31 24.95
CA ASN A 435 1.25 -24.25 24.26
C ASN A 435 1.80 -24.16 22.85
N ILE A 436 0.90 -24.21 21.86
CA ILE A 436 1.31 -24.26 20.48
C ILE A 436 1.07 -22.89 19.85
N TYR A 437 1.89 -22.55 18.87
CA TYR A 437 1.88 -21.21 18.31
C TYR A 437 2.10 -21.26 16.81
N VAL A 438 1.27 -20.55 16.06
CA VAL A 438 1.39 -20.43 14.61
C VAL A 438 1.18 -18.98 14.22
N THR A 439 2.03 -18.47 13.33
CA THR A 439 1.80 -17.17 12.71
C THR A 439 1.57 -17.39 11.23
N GLN A 440 1.22 -16.30 10.53
CA GLN A 440 0.89 -16.42 9.10
C GLN A 440 0.95 -15.03 8.48
N PRO A 441 1.54 -14.88 7.29
CA PRO A 441 1.84 -13.54 6.77
C PRO A 441 0.64 -12.77 6.22
N ARG A 442 -0.60 -13.23 6.42
CA ARG A 442 -1.76 -12.47 5.95
C ARG A 442 -2.85 -12.51 7.00
N ARG A 443 -3.38 -11.32 7.31
CA ARG A 443 -4.39 -11.20 8.38
C ARG A 443 -5.68 -11.91 8.01
N ILE A 444 -6.21 -11.65 6.82
CA ILE A 444 -7.47 -12.28 6.42
C ILE A 444 -7.28 -13.79 6.29
N SER A 445 -6.12 -14.24 5.81
CA SER A 445 -5.85 -15.67 5.77
C SER A 445 -5.80 -16.25 7.17
N ALA A 446 -5.24 -15.51 8.13
CA ALA A 446 -5.22 -15.96 9.51
C ALA A 446 -6.63 -16.10 10.06
N ILE A 447 -7.49 -15.12 9.77
CA ILE A 447 -8.89 -15.22 10.20
C ILE A 447 -9.56 -16.43 9.57
N SER A 448 -9.32 -16.65 8.28
CA SER A 448 -9.94 -17.79 7.59
C SER A 448 -9.49 -19.12 8.18
N VAL A 449 -8.19 -19.26 8.44
CA VAL A 449 -7.71 -20.53 9.00
C VAL A 449 -8.16 -20.70 10.44
N ALA A 450 -8.29 -19.60 11.19
CA ALA A 450 -8.87 -19.71 12.54
C ALA A 450 -10.31 -20.20 12.48
N GLU A 451 -11.09 -19.66 11.54
CA GLU A 451 -12.46 -20.14 11.36
C GLU A 451 -12.48 -21.60 10.96
N ARG A 452 -11.59 -22.00 10.05
CA ARG A 452 -11.56 -23.38 9.58
C ARG A 452 -11.21 -24.35 10.71
N VAL A 453 -10.21 -24.01 11.52
CA VAL A 453 -9.86 -24.89 12.62
C VAL A 453 -10.95 -24.89 13.68
N ALA A 454 -11.60 -23.75 13.93
CA ALA A 454 -12.68 -23.69 14.91
C ALA A 454 -13.86 -24.56 14.49
N ARG A 455 -14.26 -24.47 13.23
CA ARG A 455 -15.35 -25.32 12.75
C ARG A 455 -14.93 -26.79 12.73
N GLU A 456 -13.68 -27.06 12.36
CA GLU A 456 -13.18 -28.42 12.48
C GLU A 456 -13.07 -28.86 13.94
N ARG A 457 -12.72 -27.93 14.82
CA ARG A 457 -12.73 -28.21 16.26
C ARG A 457 -14.15 -28.42 16.79
N CYS A 458 -15.16 -27.94 16.07
CA CYS A 458 -16.55 -27.99 16.52
C CYS A 458 -16.73 -27.27 17.84
N GLU A 459 -15.91 -26.24 18.07
CA GLU A 459 -15.91 -25.48 19.31
C GLU A 459 -15.87 -23.99 18.99
N GLN A 460 -16.36 -23.20 19.95
CA GLN A 460 -16.39 -21.76 19.77
C GLN A 460 -14.98 -21.19 19.74
N LEU A 461 -14.75 -20.22 18.85
CA LEU A 461 -13.46 -19.59 18.74
C LEU A 461 -13.10 -18.85 20.03
N GLY A 462 -11.83 -18.96 20.43
CA GLY A 462 -11.35 -18.29 21.62
C GLY A 462 -11.17 -19.16 22.84
N ASP A 463 -11.68 -20.40 22.84
CA ASP A 463 -11.52 -21.28 23.99
C ASP A 463 -10.14 -21.95 23.97
N THR A 464 -9.82 -22.65 22.89
CA THR A 464 -8.50 -23.24 22.69
C THR A 464 -7.73 -22.64 21.54
N VAL A 465 -8.41 -22.25 20.47
CA VAL A 465 -7.78 -21.61 19.32
C VAL A 465 -8.20 -20.15 19.28
N GLY A 466 -7.24 -19.28 19.02
CA GLY A 466 -7.52 -17.86 18.88
C GLY A 466 -6.61 -17.26 17.84
N TYR A 467 -6.96 -16.04 17.42
CA TYR A 467 -6.15 -15.30 16.46
C TYR A 467 -5.89 -13.90 16.97
N SER A 468 -4.65 -13.44 16.85
CA SER A 468 -4.28 -12.08 17.22
C SER A 468 -3.74 -11.41 15.96
N VAL A 469 -4.64 -10.90 15.13
CA VAL A 469 -4.26 -10.13 13.96
C VAL A 469 -3.96 -8.72 14.43
N ARG A 470 -3.36 -7.91 13.56
CA ARG A 470 -3.04 -6.53 13.94
C ARG A 470 -4.32 -5.79 14.29
N PHE A 471 -4.27 -5.04 15.40
CA PHE A 471 -5.40 -4.26 15.90
C PHE A 471 -6.56 -5.13 16.35
N GLU A 472 -6.28 -6.34 16.84
CA GLU A 472 -7.33 -7.23 17.32
C GLU A 472 -6.71 -8.33 18.16
N SER A 473 -7.49 -8.89 19.08
CA SER A 473 -7.01 -9.95 19.97
C SER A 473 -8.18 -10.71 20.56
N VAL A 474 -8.21 -12.02 20.36
CA VAL A 474 -9.21 -12.89 20.97
C VAL A 474 -8.53 -13.98 21.78
N PHE A 475 -7.39 -13.65 22.42
CA PHE A 475 -6.46 -14.59 23.05
C PHE A 475 -7.15 -15.75 23.74
N PRO A 476 -6.70 -16.99 23.49
CA PRO A 476 -7.36 -18.15 24.08
C PRO A 476 -6.89 -18.45 25.50
N ARG A 477 -7.33 -19.58 26.05
CA ARG A 477 -6.97 -20.05 27.38
C ARG A 477 -5.45 -20.10 27.55
N PRO A 478 -4.94 -20.03 28.79
CA PRO A 478 -3.49 -19.95 28.96
C PRO A 478 -2.75 -21.24 28.64
N TYR A 479 -3.35 -22.41 28.85
CA TYR A 479 -2.66 -23.68 28.71
C TYR A 479 -3.33 -24.54 27.66
N GLY A 480 -2.51 -25.21 26.84
CA GLY A 480 -3.02 -26.10 25.82
C GLY A 480 -3.86 -25.39 24.79
N ALA A 481 -3.39 -24.25 24.32
CA ALA A 481 -4.17 -23.39 23.44
C ALA A 481 -3.44 -23.18 22.11
N ILE A 482 -4.16 -22.59 21.17
CA ILE A 482 -3.68 -22.34 19.82
C ILE A 482 -3.83 -20.85 19.53
N LEU A 483 -2.79 -20.23 18.99
CA LEU A 483 -2.86 -18.83 18.62
C LEU A 483 -2.38 -18.63 17.20
N PHE A 484 -3.11 -17.80 16.44
CA PHE A 484 -2.72 -17.38 15.11
C PHE A 484 -2.47 -15.87 15.14
N CYS A 485 -1.56 -15.41 14.29
CA CYS A 485 -1.20 -13.99 14.29
C CYS A 485 -0.43 -13.67 13.03
N THR A 486 -0.28 -12.37 12.77
CA THR A 486 0.65 -11.91 11.77
C THR A 486 2.04 -11.80 12.38
N VAL A 487 3.04 -11.59 11.51
CA VAL A 487 4.41 -11.51 11.99
C VAL A 487 4.61 -10.29 12.87
N GLY A 488 3.94 -9.19 12.54
CA GLY A 488 4.06 -7.98 13.36
C GLY A 488 3.54 -8.18 14.77
N VAL A 489 2.44 -8.92 14.92
CA VAL A 489 1.90 -9.18 16.25
C VAL A 489 2.89 -10.02 17.07
N LEU A 490 3.49 -11.03 16.45
CA LEU A 490 4.51 -11.81 17.16
C LEU A 490 5.70 -10.94 17.52
N LEU A 491 6.10 -10.03 16.63
CA LEU A 491 7.19 -9.12 16.94
C LEU A 491 6.86 -8.25 18.15
N ARG A 492 5.62 -7.77 18.22
CA ARG A 492 5.20 -6.96 19.36
C ARG A 492 5.21 -7.79 20.64
N LYS A 493 4.70 -9.02 20.58
CA LYS A 493 4.67 -9.88 21.76
C LYS A 493 6.06 -10.38 22.15
N LEU A 494 7.03 -10.30 21.25
CA LEU A 494 8.38 -10.78 21.46
C LEU A 494 9.09 -10.11 22.63
N GLU A 495 8.63 -8.92 23.03
CA GLU A 495 9.36 -8.15 24.04
C GLU A 495 9.45 -8.89 25.36
N ALA A 496 8.36 -9.49 25.80
CA ALA A 496 8.37 -10.22 27.07
C ALA A 496 9.09 -11.55 26.92
N GLY A 497 8.97 -12.19 25.77
CA GLY A 497 9.56 -13.50 25.54
C GLY A 497 8.51 -14.57 25.34
N LEU A 498 8.97 -15.71 24.82
CA LEU A 498 8.12 -16.85 24.54
C LEU A 498 8.04 -17.80 25.72
N ARG A 499 8.21 -17.31 26.94
CA ARG A 499 8.20 -18.17 28.12
C ARG A 499 6.87 -18.88 28.26
N GLY A 500 6.91 -20.22 28.20
CA GLY A 500 5.73 -21.03 28.39
C GLY A 500 5.15 -21.65 27.14
N VAL A 501 5.58 -21.23 25.95
CA VAL A 501 5.08 -21.78 24.71
C VAL A 501 5.92 -23.01 24.36
N SER A 502 5.29 -24.01 23.74
CA SER A 502 6.00 -25.24 23.41
C SER A 502 6.74 -25.11 22.08
N HIS A 503 6.01 -24.90 20.99
CA HIS A 503 6.57 -24.90 19.66
C HIS A 503 5.97 -23.77 18.83
N ILE A 504 6.70 -23.38 17.79
CA ILE A 504 6.27 -22.35 16.85
C ILE A 504 6.26 -22.97 15.45
N ILE A 505 5.17 -22.72 14.72
CA ILE A 505 4.87 -23.44 13.48
C ILE A 505 4.75 -22.46 12.33
N VAL A 506 5.64 -21.47 12.28
CA VAL A 506 5.59 -20.37 11.33
C VAL A 506 5.17 -20.82 9.93
N ASP A 507 4.20 -20.10 9.35
CA ASP A 507 3.58 -20.42 8.08
C ASP A 507 4.49 -19.95 6.94
N GLU A 508 3.94 -19.82 5.74
CA GLU A 508 4.65 -19.61 4.48
C GLU A 508 5.93 -18.79 4.61
N ILE A 509 7.03 -19.35 4.11
CA ILE A 509 8.30 -18.63 4.04
C ILE A 509 8.65 -18.24 2.62
N HIS A 510 8.40 -19.10 1.62
CA HIS A 510 8.72 -18.73 0.24
C HIS A 510 7.87 -17.58 -0.28
N GLU A 511 6.97 -17.01 0.55
CA GLU A 511 6.46 -15.67 0.28
C GLU A 511 7.59 -14.65 0.27
N ARG A 512 8.67 -14.93 1.00
CA ARG A 512 9.91 -14.16 1.05
C ARG A 512 9.73 -12.75 1.61
N ASP A 513 8.63 -12.49 2.33
CA ASP A 513 8.42 -11.18 2.92
C ASP A 513 9.47 -10.91 4.01
N VAL A 514 9.81 -9.62 4.17
CA VAL A 514 10.89 -9.23 5.05
C VAL A 514 10.60 -9.59 6.50
N ASN A 515 9.36 -9.44 6.95
CA ASN A 515 9.03 -9.72 8.34
C ASN A 515 9.26 -11.18 8.70
N SER A 516 8.89 -12.10 7.79
CA SER A 516 9.14 -13.51 8.03
C SER A 516 10.63 -13.81 8.04
N ASP A 517 11.40 -13.14 7.18
CA ASP A 517 12.86 -13.32 7.20
C ASP A 517 13.43 -12.90 8.55
N PHE A 518 12.99 -11.74 9.05
CA PHE A 518 13.43 -11.28 10.37
C PHE A 518 13.06 -12.29 11.44
N LEU A 519 11.82 -12.79 11.40
CA LEU A 519 11.35 -13.75 12.39
C LEU A 519 12.21 -15.01 12.38
N LEU A 520 12.49 -15.53 11.19
CA LEU A 520 13.28 -16.76 11.09
C LEU A 520 14.72 -16.54 11.54
N VAL A 521 15.30 -15.39 11.21
CA VAL A 521 16.67 -15.12 11.64
C VAL A 521 16.74 -15.04 13.16
N ILE A 522 15.76 -14.39 13.79
CA ILE A 522 15.73 -14.35 15.24
C ILE A 522 15.51 -15.75 15.82
N LEU A 523 14.63 -16.53 15.19
CA LEU A 523 14.26 -17.83 15.74
C LEU A 523 15.40 -18.84 15.62
N ARG A 524 16.28 -18.68 14.63
CA ARG A 524 17.45 -19.54 14.54
C ARG A 524 18.35 -19.35 15.76
N ASP A 525 18.62 -18.10 16.13
CA ASP A 525 19.37 -17.84 17.35
C ASP A 525 18.60 -18.33 18.58
N MET A 526 17.28 -18.20 18.55
CA MET A 526 16.45 -18.72 19.63
C MET A 526 16.71 -20.20 19.87
N VAL A 527 16.64 -21.01 18.80
CA VAL A 527 16.82 -22.44 18.97
C VAL A 527 18.28 -22.78 19.24
N ASP A 528 19.22 -21.97 18.74
CA ASP A 528 20.62 -22.18 19.09
C ASP A 528 20.85 -22.01 20.59
N THR A 529 20.24 -20.98 21.19
CA THR A 529 20.33 -20.80 22.63
C THR A 529 19.45 -21.79 23.38
N TYR A 530 18.25 -22.04 22.87
CA TYR A 530 17.27 -22.87 23.58
C TYR A 530 17.08 -24.19 22.84
N PRO A 531 17.57 -25.32 23.38
CA PRO A 531 17.49 -26.58 22.65
C PRO A 531 16.11 -27.22 22.69
N ASP A 532 15.36 -26.99 23.77
CA ASP A 532 14.07 -27.66 23.95
C ASP A 532 13.07 -27.19 22.91
N LEU A 533 13.11 -25.91 22.54
CA LEU A 533 12.18 -25.37 21.57
C LEU A 533 12.29 -26.10 20.23
N HIS A 534 11.14 -26.35 19.61
CA HIS A 534 11.07 -26.99 18.31
C HIS A 534 10.36 -26.06 17.33
N VAL A 535 10.90 -25.96 16.13
CA VAL A 535 10.43 -24.99 15.13
C VAL A 535 10.03 -25.74 13.87
N ILE A 536 8.91 -25.32 13.27
CA ILE A 536 8.38 -25.94 12.06
C ILE A 536 8.44 -24.90 10.95
N LEU A 537 9.30 -25.13 9.97
CA LEU A 537 9.32 -24.33 8.74
C LEU A 537 8.39 -24.96 7.72
N MET A 538 7.61 -24.13 7.05
CA MET A 538 6.51 -24.59 6.22
C MET A 538 6.61 -23.99 4.83
N SER A 539 6.48 -24.85 3.82
CA SER A 539 6.54 -24.41 2.43
C SER A 539 5.67 -25.34 1.59
N ALA A 540 5.43 -24.93 0.34
CA ALA A 540 4.58 -25.69 -0.56
C ALA A 540 5.36 -26.30 -1.71
N THR A 541 6.07 -25.50 -2.50
CA THR A 541 6.85 -26.03 -3.62
C THR A 541 8.02 -25.08 -3.84
N ILE A 542 9.18 -25.42 -3.25
CA ILE A 542 10.39 -24.63 -3.40
C ILE A 542 11.56 -25.48 -2.97
N ASP A 543 12.76 -25.10 -3.40
CA ASP A 543 13.97 -25.81 -2.99
C ASP A 543 14.30 -25.48 -1.54
N THR A 544 13.78 -26.27 -0.61
CA THR A 544 14.04 -26.08 0.82
C THR A 544 15.50 -26.34 1.20
N THR A 545 16.34 -26.68 0.23
CA THR A 545 17.76 -26.92 0.53
C THR A 545 18.42 -25.68 1.08
N LYS A 546 18.13 -24.51 0.51
CA LYS A 546 18.71 -23.27 1.02
C LYS A 546 18.23 -22.97 2.44
N PHE A 547 16.94 -23.17 2.69
CA PHE A 547 16.39 -22.93 4.02
C PHE A 547 17.03 -23.86 5.04
N SER A 548 17.23 -25.13 4.67
CA SER A 548 17.97 -26.04 5.54
C SER A 548 19.40 -25.56 5.74
N LYS A 549 20.04 -25.08 4.66
CA LYS A 549 21.40 -24.58 4.74
C LYS A 549 21.53 -23.43 5.73
N TYR A 550 20.49 -22.61 5.84
CA TYR A 550 20.51 -21.57 6.86
C TYR A 550 20.59 -22.16 8.26
N PHE A 551 19.84 -23.24 8.51
CA PHE A 551 19.87 -23.91 9.80
C PHE A 551 20.87 -25.06 9.81
N GLY A 552 22.10 -24.79 9.35
CA GLY A 552 23.17 -25.77 9.41
C GLY A 552 22.85 -27.09 8.74
N ILE A 553 22.25 -27.06 7.55
CA ILE A 553 21.77 -28.25 6.86
C ILE A 553 20.84 -29.02 7.81
N CYS A 554 19.75 -28.39 8.22
CA CYS A 554 18.79 -29.02 9.10
C CYS A 554 17.96 -30.05 8.33
N PRO A 555 17.47 -31.07 9.02
CA PRO A 555 16.64 -32.08 8.33
C PRO A 555 15.40 -31.47 7.71
N VAL A 556 15.05 -31.95 6.53
CA VAL A 556 13.87 -31.49 5.79
C VAL A 556 13.00 -32.71 5.52
N LEU A 557 11.73 -32.62 5.92
CA LEU A 557 10.80 -33.71 5.70
C LEU A 557 9.95 -33.43 4.46
N GLU A 558 9.53 -34.51 3.81
CA GLU A 558 8.86 -34.44 2.52
C GLU A 558 7.44 -34.96 2.62
N VAL A 559 6.51 -34.24 2.01
CA VAL A 559 5.14 -34.69 1.83
C VAL A 559 4.86 -34.76 0.33
N PRO A 560 4.99 -35.94 -0.27
CA PRO A 560 4.68 -36.08 -1.69
C PRO A 560 3.22 -35.74 -1.95
N GLY A 561 2.97 -35.07 -3.07
CA GLY A 561 1.63 -34.67 -3.43
C GLY A 561 1.15 -35.30 -4.72
N ARG A 562 -0.07 -35.83 -4.71
CA ARG A 562 -0.63 -36.43 -5.91
C ARG A 562 -0.93 -35.34 -6.93
N ALA A 563 -0.42 -35.51 -8.15
CA ALA A 563 -0.63 -34.53 -9.19
C ALA A 563 -0.70 -35.23 -10.53
N PHE A 564 -1.39 -34.60 -11.47
CA PHE A 564 -1.57 -35.13 -12.81
C PHE A 564 -0.81 -34.26 -13.81
N PRO A 565 0.18 -34.81 -14.51
CA PRO A 565 0.89 -34.02 -15.52
C PRO A 565 -0.07 -33.56 -16.62
N VAL A 566 0.15 -32.34 -17.10
CA VAL A 566 -0.73 -31.72 -18.07
C VAL A 566 0.09 -31.24 -19.25
N GLN A 567 -0.56 -31.16 -20.41
CA GLN A 567 0.04 -30.49 -21.56
C GLN A 567 -0.05 -28.98 -21.38
N GLN A 568 0.88 -28.28 -22.01
CA GLN A 568 0.92 -26.82 -21.93
C GLN A 568 0.81 -26.22 -23.31
N PHE A 569 0.10 -25.10 -23.41
CA PHE A 569 -0.11 -24.41 -24.68
C PHE A 569 0.65 -23.10 -24.67
N PHE A 570 1.19 -22.73 -25.83
CA PHE A 570 1.95 -21.50 -25.98
C PHE A 570 1.56 -20.89 -27.32
N LEU A 571 2.37 -19.93 -27.79
CA LEU A 571 2.06 -19.22 -29.02
C LEU A 571 1.86 -20.17 -30.20
N GLU A 572 2.58 -21.30 -30.22
CA GLU A 572 2.49 -22.20 -31.36
C GLU A 572 1.11 -22.86 -31.45
N ASP A 573 0.60 -23.38 -30.33
CA ASP A 573 -0.69 -24.05 -30.37
C ASP A 573 -1.82 -23.08 -30.68
N ILE A 574 -1.82 -21.91 -30.03
CA ILE A 574 -2.89 -20.95 -30.24
C ILE A 574 -2.80 -20.33 -31.64
N ILE A 575 -1.59 -20.15 -32.18
CA ILE A 575 -1.51 -19.74 -33.57
C ILE A 575 -1.98 -20.86 -34.48
N GLN A 576 -1.86 -22.12 -34.03
CA GLN A 576 -2.26 -23.24 -34.86
C GLN A 576 -3.77 -23.33 -34.99
N MET A 577 -4.51 -23.21 -33.88
CA MET A 577 -5.95 -23.38 -34.02
C MET A 577 -6.73 -22.07 -34.05
N THR A 578 -6.27 -21.03 -33.35
CA THR A 578 -7.05 -19.79 -33.28
C THR A 578 -6.19 -18.55 -33.46
N ASP A 579 -5.00 -18.68 -34.06
CA ASP A 579 -4.12 -17.56 -34.42
C ASP A 579 -3.50 -16.90 -33.19
N PHE A 580 -2.23 -16.49 -33.30
CA PHE A 580 -1.61 -15.62 -32.29
C PHE A 580 -0.43 -14.90 -32.91
N VAL A 581 -0.64 -13.66 -33.35
CA VAL A 581 0.39 -12.80 -33.93
C VAL A 581 0.05 -11.31 -33.80
N PRO A 582 -1.14 -10.86 -34.27
CA PRO A 582 -1.26 -9.44 -34.67
C PRO A 582 -1.22 -8.43 -33.54
N SER A 583 -1.38 -7.16 -33.92
CA SER A 583 -1.46 -6.03 -33.01
C SER A 583 -2.85 -5.40 -33.12
N ALA A 584 -3.02 -4.25 -32.47
CA ALA A 584 -4.31 -3.57 -32.48
C ALA A 584 -4.45 -2.77 -33.78
N GLU A 585 -5.52 -3.04 -34.52
CA GLU A 585 -5.83 -2.29 -35.73
C GLU A 585 -6.82 -1.17 -35.43
N SER A 601 8.76 6.57 -15.11
CA SER A 601 8.99 7.93 -15.56
C SER A 601 8.50 8.13 -16.98
N GLU A 602 9.07 9.12 -17.67
CA GLU A 602 8.67 9.39 -19.08
C GLU A 602 9.65 8.65 -20.00
N ASP A 603 10.90 8.46 -19.57
CA ASP A 603 11.93 7.82 -20.43
C ASP A 603 13.06 7.28 -19.58
N LYS A 604 13.70 6.18 -20.02
CA LYS A 604 14.86 5.61 -19.30
C LYS A 604 15.96 5.28 -20.32
N ASP A 605 16.32 3.99 -20.46
CA ASP A 605 17.38 3.58 -21.42
C ASP A 605 17.30 2.07 -21.69
N GLU A 606 18.44 1.41 -21.90
CA GLU A 606 18.49 -0.06 -22.14
C GLU A 606 17.72 -0.41 -23.43
N ALA A 607 17.15 -1.63 -23.49
CA ALA A 607 16.48 -2.06 -24.74
C ALA A 607 15.34 -3.04 -24.43
N GLU A 608 14.11 -2.55 -24.30
CA GLU A 608 12.96 -3.48 -24.14
C GLU A 608 12.85 -4.28 -25.43
N ILE A 609 12.65 -5.59 -25.31
CA ILE A 609 12.46 -6.38 -26.53
C ILE A 609 11.14 -7.12 -26.41
N ASN A 610 10.30 -7.01 -27.42
CA ASN A 610 8.99 -7.66 -27.44
C ASN A 610 9.10 -8.98 -28.21
N TYR A 611 8.79 -10.08 -27.53
CA TYR A 611 8.87 -11.41 -28.13
C TYR A 611 7.53 -11.89 -28.68
N ASN A 612 6.47 -11.07 -28.60
CA ASN A 612 5.19 -11.47 -29.15
C ASN A 612 5.26 -11.65 -30.66
N LYS A 613 5.93 -10.73 -31.35
CA LYS A 613 6.10 -10.81 -32.79
C LYS A 613 7.30 -11.66 -33.19
N VAL A 614 8.09 -12.13 -32.23
CA VAL A 614 9.30 -12.89 -32.51
C VAL A 614 8.95 -14.36 -32.39
N CYS A 615 8.63 -14.99 -33.52
CA CYS A 615 8.36 -16.42 -33.57
C CYS A 615 8.55 -16.90 -34.99
N GLU A 616 9.17 -18.07 -35.12
CA GLU A 616 9.46 -18.64 -36.43
C GLU A 616 8.17 -19.04 -37.14
N ASP A 617 8.11 -18.76 -38.44
CA ASP A 617 6.91 -19.06 -39.22
C ASP A 617 7.01 -20.44 -39.87
N LYS A 618 7.36 -21.44 -39.09
CA LYS A 618 7.20 -22.84 -39.47
C LYS A 618 5.91 -23.43 -38.95
N TYR A 619 5.20 -22.70 -38.11
CA TYR A 619 3.87 -23.03 -37.64
C TYR A 619 2.85 -22.40 -38.57
N SER A 620 1.60 -22.28 -38.13
CA SER A 620 0.51 -21.79 -38.99
C SER A 620 0.76 -20.33 -39.38
N GLN A 621 -0.20 -19.75 -40.09
CA GLN A 621 0.01 -18.55 -40.91
C GLN A 621 0.23 -17.32 -40.03
N LYS A 622 1.48 -17.12 -39.63
CA LYS A 622 1.85 -16.00 -38.79
C LYS A 622 1.48 -14.66 -39.44
N THR A 623 2.09 -14.37 -40.59
CA THR A 623 1.85 -13.08 -41.25
C THR A 623 0.41 -12.94 -41.72
N ARG A 624 -0.22 -14.04 -42.12
CA ARG A 624 -1.61 -13.96 -42.58
C ARG A 624 -2.54 -13.60 -41.44
N ASN A 625 -2.36 -14.21 -40.27
CA ASN A 625 -3.14 -13.81 -39.10
C ASN A 625 -2.85 -12.36 -38.72
N ALA A 626 -1.57 -11.97 -38.78
CA ALA A 626 -1.19 -10.58 -38.49
C ALA A 626 -1.96 -9.62 -39.38
N MET A 627 -1.99 -9.90 -40.67
CA MET A 627 -2.71 -9.03 -41.61
C MET A 627 -4.22 -9.10 -41.39
N ALA A 628 -4.75 -10.24 -40.95
CA ALA A 628 -6.21 -10.34 -40.84
C ALA A 628 -6.74 -9.72 -39.55
N MET A 629 -6.46 -10.36 -38.40
CA MET A 629 -7.06 -9.88 -37.15
C MET A 629 -6.62 -10.69 -35.93
N LEU A 630 -6.64 -10.04 -34.76
CA LEU A 630 -6.83 -10.60 -33.41
C LEU A 630 -6.78 -9.45 -32.41
N SER A 631 -7.03 -9.80 -31.14
CA SER A 631 -6.85 -8.89 -30.01
C SER A 631 -5.97 -9.58 -28.99
N GLU A 632 -4.85 -8.93 -28.62
CA GLU A 632 -3.87 -9.52 -27.72
C GLU A 632 -3.76 -8.80 -26.39
N SER A 633 -3.58 -7.49 -26.40
CA SER A 633 -3.39 -6.75 -25.15
C SER A 633 -4.60 -6.89 -24.24
N ASP A 634 -5.80 -6.79 -24.81
CA ASP A 634 -7.04 -7.08 -24.10
C ASP A 634 -7.59 -8.40 -24.63
N VAL A 635 -7.70 -9.39 -23.75
CA VAL A 635 -8.27 -10.67 -24.14
C VAL A 635 -9.70 -10.45 -24.61
N SER A 636 -10.09 -11.15 -25.67
CA SER A 636 -11.36 -10.90 -26.33
C SER A 636 -11.99 -12.26 -26.64
N PHE A 637 -12.98 -12.25 -27.54
CA PHE A 637 -13.77 -13.45 -27.82
C PHE A 637 -12.93 -14.64 -28.26
N GLU A 638 -11.68 -14.44 -28.67
CA GLU A 638 -10.88 -15.55 -29.15
C GLU A 638 -10.63 -16.57 -28.05
N LEU A 639 -10.11 -16.13 -26.89
CA LEU A 639 -9.79 -17.06 -25.82
C LEU A 639 -11.04 -17.66 -25.18
N LEU A 640 -12.05 -16.81 -24.93
CA LEU A 640 -13.26 -17.32 -24.30
C LEU A 640 -14.00 -18.29 -25.22
N GLU A 641 -13.99 -18.03 -26.52
CA GLU A 641 -14.61 -18.97 -27.46
C GLU A 641 -13.78 -20.24 -27.60
N ALA A 642 -12.45 -20.14 -27.52
CA ALA A 642 -11.62 -21.34 -27.53
C ALA A 642 -11.94 -22.22 -26.33
N LEU A 643 -12.04 -21.62 -25.14
CA LEU A 643 -12.36 -22.42 -23.97
C LEU A 643 -13.80 -22.93 -24.01
N LEU A 644 -14.72 -22.15 -24.60
CA LEU A 644 -16.10 -22.60 -24.73
C LEU A 644 -16.21 -23.81 -25.65
N MET A 645 -15.53 -23.77 -26.80
CA MET A 645 -15.54 -24.93 -27.68
C MET A 645 -14.80 -26.11 -27.07
N HIS A 646 -13.76 -25.83 -26.28
CA HIS A 646 -13.10 -26.90 -25.54
C HIS A 646 -14.07 -27.58 -24.58
N ILE A 647 -14.87 -26.79 -23.87
CA ILE A 647 -15.87 -27.34 -22.96
C ILE A 647 -16.90 -28.16 -23.72
N LYS A 648 -17.42 -27.60 -24.81
CA LYS A 648 -18.53 -28.24 -25.52
C LYS A 648 -18.08 -29.44 -26.34
N SER A 649 -16.78 -29.58 -26.62
CA SER A 649 -16.27 -30.72 -27.37
C SER A 649 -15.67 -31.80 -26.47
N LYS A 650 -14.77 -31.42 -25.56
CA LYS A 650 -14.14 -32.38 -24.67
C LYS A 650 -15.04 -32.80 -23.52
N ASN A 651 -16.12 -32.08 -23.27
CA ASN A 651 -17.08 -32.39 -22.19
C ASN A 651 -16.35 -32.50 -20.85
N ILE A 652 -15.74 -31.39 -20.45
CA ILE A 652 -14.94 -31.35 -19.22
C ILE A 652 -15.44 -30.20 -18.34
N PRO A 653 -16.53 -30.39 -17.60
CA PRO A 653 -17.04 -29.32 -16.73
C PRO A 653 -16.02 -28.96 -15.66
N GLY A 654 -15.55 -27.72 -15.69
CA GLY A 654 -14.58 -27.26 -14.73
C GLY A 654 -14.60 -25.75 -14.61
N ALA A 655 -14.05 -25.27 -13.49
CA ALA A 655 -13.99 -23.84 -13.25
C ALA A 655 -13.01 -23.18 -14.21
N ILE A 656 -13.39 -22.00 -14.71
CA ILE A 656 -12.53 -21.20 -15.58
C ILE A 656 -11.94 -20.09 -14.72
N LEU A 657 -10.63 -20.11 -14.55
CA LEU A 657 -9.94 -19.12 -13.74
C LEU A 657 -8.96 -18.32 -14.59
N VAL A 658 -8.95 -17.02 -14.39
CA VAL A 658 -8.02 -16.11 -15.06
C VAL A 658 -7.39 -15.21 -14.00
N PHE A 659 -6.09 -14.99 -14.11
CA PHE A 659 -5.34 -14.22 -13.13
C PHE A 659 -4.86 -12.93 -13.79
N LEU A 660 -5.21 -11.80 -13.18
CA LEU A 660 -4.92 -10.48 -13.73
C LEU A 660 -4.28 -9.60 -12.65
N PRO A 661 -3.29 -8.77 -13.02
CA PRO A 661 -2.49 -8.07 -12.00
C PRO A 661 -3.24 -7.05 -11.16
N GLY A 662 -3.88 -6.07 -11.78
CA GLY A 662 -4.36 -4.90 -11.08
C GLY A 662 -5.87 -4.79 -11.07
N TRP A 663 -6.41 -4.33 -9.94
CA TRP A 663 -7.86 -4.24 -9.79
C TRP A 663 -8.49 -3.28 -10.80
N ASN A 664 -7.73 -2.27 -11.25
CA ASN A 664 -8.25 -1.38 -12.28
C ASN A 664 -8.54 -2.16 -13.56
N LEU A 665 -7.60 -3.00 -14.00
CA LEU A 665 -7.86 -3.81 -15.16
C LEU A 665 -8.80 -4.98 -14.85
N ILE A 666 -8.92 -5.35 -13.57
CA ILE A 666 -9.98 -6.28 -13.17
C ILE A 666 -11.34 -5.69 -13.52
N PHE A 667 -11.56 -4.44 -13.12
CA PHE A 667 -12.82 -3.77 -13.44
C PHE A 667 -12.95 -3.54 -14.94
N ALA A 668 -11.84 -3.26 -15.61
CA ALA A 668 -11.88 -3.11 -17.07
C ALA A 668 -12.35 -4.39 -17.74
N LEU A 669 -11.84 -5.55 -17.30
CA LEU A 669 -12.27 -6.81 -17.88
C LEU A 669 -13.70 -7.15 -17.51
N MET A 670 -14.13 -6.80 -16.28
CA MET A 670 -15.54 -6.94 -15.92
C MET A 670 -16.44 -6.14 -16.84
N LYS A 671 -16.09 -4.87 -17.10
CA LYS A 671 -16.94 -4.06 -17.97
C LYS A 671 -16.88 -4.56 -19.41
N PHE A 672 -15.72 -5.07 -19.84
CA PHE A 672 -15.59 -5.60 -21.19
C PHE A 672 -16.41 -6.88 -21.38
N LEU A 673 -16.53 -7.67 -20.31
CA LEU A 673 -17.37 -8.86 -20.39
C LEU A 673 -18.85 -8.50 -20.29
N GLN A 674 -19.18 -7.46 -19.51
CA GLN A 674 -20.58 -7.09 -19.34
C GLN A 674 -21.14 -6.43 -20.60
N ASN A 675 -20.40 -5.50 -21.20
CA ASN A 675 -20.91 -4.85 -22.41
C ASN A 675 -20.98 -5.84 -23.57
N THR A 676 -20.04 -6.79 -23.62
CA THR A 676 -20.13 -7.94 -24.52
C THR A 676 -20.98 -9.03 -23.87
N ASN A 677 -22.23 -8.67 -23.59
CA ASN A 677 -23.15 -9.56 -22.87
C ASN A 677 -23.53 -10.80 -23.68
N ILE A 678 -23.23 -10.82 -24.98
CA ILE A 678 -23.48 -12.03 -25.78
C ILE A 678 -22.65 -13.19 -25.23
N PHE A 679 -21.37 -12.92 -24.94
CA PHE A 679 -20.51 -13.89 -24.29
C PHE A 679 -20.24 -13.55 -22.84
N GLY A 680 -20.82 -12.47 -22.33
CA GLY A 680 -20.77 -12.16 -20.92
C GLY A 680 -22.11 -12.38 -20.25
N ASP A 681 -22.93 -13.24 -20.85
CA ASP A 681 -24.28 -13.51 -20.36
C ASP A 681 -24.20 -14.24 -19.03
N THR A 682 -24.44 -13.51 -17.94
CA THR A 682 -24.28 -14.09 -16.61
C THR A 682 -25.25 -15.25 -16.40
N SER A 683 -26.46 -15.15 -16.95
CA SER A 683 -27.44 -16.23 -16.82
C SER A 683 -26.96 -17.54 -17.44
N GLN A 684 -25.98 -17.48 -18.34
CA GLN A 684 -25.45 -18.68 -18.97
C GLN A 684 -23.93 -18.72 -18.99
N TYR A 685 -23.25 -17.61 -18.72
CA TYR A 685 -21.81 -17.57 -18.43
C TYR A 685 -21.64 -16.87 -17.08
N GLN A 686 -21.62 -17.64 -15.99
CA GLN A 686 -21.42 -17.07 -14.66
C GLN A 686 -20.06 -16.37 -14.58
N ILE A 687 -20.09 -15.11 -14.19
CA ILE A 687 -18.87 -14.31 -14.00
C ILE A 687 -18.70 -14.10 -12.50
N LEU A 688 -17.56 -14.54 -11.96
CA LEU A 688 -17.32 -14.53 -10.53
C LEU A 688 -15.98 -13.86 -10.23
N PRO A 689 -15.96 -12.58 -9.88
CA PRO A 689 -14.71 -11.94 -9.48
C PRO A 689 -14.31 -12.36 -8.08
N CYS A 690 -13.03 -12.08 -7.75
CA CYS A 690 -12.50 -12.45 -6.44
C CYS A 690 -11.35 -11.51 -6.11
N HIS A 691 -11.56 -10.64 -5.13
CA HIS A 691 -10.52 -9.72 -4.67
C HIS A 691 -10.92 -9.19 -3.30
N SER A 692 -10.00 -8.46 -2.68
CA SER A 692 -10.27 -7.87 -1.37
C SER A 692 -11.25 -6.70 -1.47
N GLN A 693 -11.36 -6.07 -2.64
CA GLN A 693 -12.27 -4.93 -2.79
C GLN A 693 -13.72 -5.35 -2.60
N ILE A 694 -14.11 -6.46 -3.23
CA ILE A 694 -15.48 -6.96 -3.13
C ILE A 694 -15.68 -7.59 -1.76
N PRO A 695 -16.89 -7.54 -1.20
CA PRO A 695 -17.10 -8.06 0.16
C PRO A 695 -16.97 -9.58 0.20
N ARG A 696 -16.92 -10.10 1.43
CA ARG A 696 -16.73 -11.53 1.65
C ARG A 696 -17.90 -12.35 1.11
N ASP A 697 -19.04 -11.72 0.86
CA ASP A 697 -20.18 -12.46 0.31
C ASP A 697 -19.85 -13.06 -1.05
N GLU A 698 -19.17 -12.29 -1.91
CA GLU A 698 -18.80 -12.80 -3.22
C GLU A 698 -17.77 -13.92 -3.11
N GLN A 699 -16.81 -13.79 -2.19
CA GLN A 699 -15.84 -14.87 -1.99
C GLN A 699 -16.53 -16.15 -1.51
N ARG A 700 -17.49 -16.02 -0.61
CA ARG A 700 -18.25 -17.18 -0.16
C ARG A 700 -19.04 -17.80 -1.30
N LYS A 701 -19.65 -16.95 -2.14
CA LYS A 701 -20.44 -17.44 -3.27
C LYS A 701 -19.58 -18.14 -4.31
N VAL A 702 -18.33 -17.69 -4.48
CA VAL A 702 -17.43 -18.31 -5.46
C VAL A 702 -17.21 -19.77 -5.11
N PHE A 703 -16.99 -20.07 -3.82
CA PHE A 703 -16.81 -21.45 -3.40
C PHE A 703 -18.08 -22.28 -3.56
N GLU A 704 -19.23 -21.63 -3.78
CA GLU A 704 -20.47 -22.35 -4.01
C GLU A 704 -20.63 -22.56 -5.51
N PRO A 705 -20.55 -23.79 -6.02
CA PRO A 705 -20.67 -24.01 -7.47
C PRO A 705 -22.11 -23.86 -7.95
N VAL A 706 -22.23 -23.71 -9.26
CA VAL A 706 -23.55 -23.64 -9.91
C VAL A 706 -23.60 -24.71 -10.98
N PRO A 707 -24.80 -25.18 -11.35
CA PRO A 707 -24.91 -26.31 -12.28
C PRO A 707 -24.25 -26.02 -13.62
N GLU A 708 -23.67 -27.06 -14.21
CA GLU A 708 -22.98 -26.94 -15.48
C GLU A 708 -23.97 -26.62 -16.60
N GLY A 709 -23.47 -25.96 -17.64
CA GLY A 709 -24.31 -25.41 -18.68
C GLY A 709 -24.30 -23.90 -18.58
N VAL A 710 -24.27 -23.42 -17.34
CA VAL A 710 -24.03 -22.01 -17.06
C VAL A 710 -22.57 -21.93 -16.60
N THR A 711 -21.69 -21.64 -17.55
CA THR A 711 -20.26 -21.78 -17.32
C THR A 711 -19.77 -20.84 -16.23
N LYS A 712 -18.78 -21.31 -15.46
CA LYS A 712 -18.26 -20.60 -14.30
C LYS A 712 -16.98 -19.87 -14.70
N ILE A 713 -17.07 -18.57 -14.93
CA ILE A 713 -15.90 -17.74 -15.21
C ILE A 713 -15.49 -17.07 -13.90
N ILE A 714 -14.25 -17.31 -13.49
CA ILE A 714 -13.72 -16.78 -12.24
C ILE A 714 -12.50 -15.93 -12.58
N LEU A 715 -12.48 -14.69 -12.08
CA LEU A 715 -11.33 -13.82 -12.20
C LEU A 715 -10.82 -13.47 -10.81
N SER A 716 -9.51 -13.57 -10.63
CA SER A 716 -8.88 -13.27 -9.35
C SER A 716 -7.43 -12.88 -9.62
N THR A 717 -6.60 -12.90 -8.58
CA THR A 717 -5.22 -12.46 -8.68
C THR A 717 -4.38 -13.33 -7.75
N ASN A 718 -3.18 -12.87 -7.42
CA ASN A 718 -2.23 -13.63 -6.61
C ASN A 718 -2.82 -14.12 -5.29
N ILE A 719 -3.95 -13.54 -4.88
CA ILE A 719 -4.64 -14.06 -3.69
C ILE A 719 -5.16 -15.46 -3.94
N ALA A 720 -5.60 -15.74 -5.17
CA ALA A 720 -6.06 -17.08 -5.53
C ALA A 720 -4.91 -18.03 -5.82
N GLU A 721 -3.69 -17.51 -6.00
CA GLU A 721 -2.54 -18.37 -6.20
C GLU A 721 -2.30 -19.28 -5.00
N THR A 722 -2.68 -18.83 -3.81
CA THR A 722 -2.55 -19.61 -2.59
C THR A 722 -3.85 -19.46 -1.80
N SER A 723 -3.82 -19.93 -0.55
CA SER A 723 -4.92 -19.76 0.40
C SER A 723 -6.22 -20.42 -0.08
N ILE A 724 -6.80 -19.90 -1.15
CA ILE A 724 -8.09 -20.37 -1.64
C ILE A 724 -7.87 -21.27 -2.85
N THR A 725 -8.71 -22.30 -2.96
CA THR A 725 -8.60 -23.26 -4.05
C THR A 725 -9.95 -23.95 -4.20
N ILE A 726 -10.42 -24.04 -5.45
CA ILE A 726 -11.69 -24.70 -5.76
C ILE A 726 -11.40 -26.07 -6.34
N ASP A 727 -12.14 -27.09 -5.86
CA ASP A 727 -11.94 -28.45 -6.34
C ASP A 727 -12.39 -28.62 -7.79
N ASP A 728 -13.09 -27.64 -8.36
CA ASP A 728 -13.65 -27.74 -9.70
C ASP A 728 -12.78 -27.05 -10.75
N ILE A 729 -11.55 -26.65 -10.41
CA ILE A 729 -10.72 -25.89 -11.33
C ILE A 729 -10.12 -26.83 -12.37
N VAL A 730 -10.34 -26.55 -13.64
CA VAL A 730 -9.75 -27.30 -14.74
C VAL A 730 -9.03 -26.34 -15.67
N PHE A 731 -9.70 -25.23 -15.99
CA PHE A 731 -9.22 -24.29 -17.00
C PHE A 731 -8.42 -23.19 -16.32
N VAL A 732 -7.10 -23.19 -16.54
CA VAL A 732 -6.21 -22.17 -15.97
C VAL A 732 -5.72 -21.29 -17.11
N ILE A 733 -5.90 -19.98 -16.95
CA ILE A 733 -5.45 -18.99 -17.92
C ILE A 733 -4.51 -18.05 -17.19
N ASP A 734 -3.31 -17.88 -17.73
CA ASP A 734 -2.27 -17.09 -17.09
C ASP A 734 -1.71 -16.05 -18.05
N ILE A 735 -1.37 -14.89 -17.50
CA ILE A 735 -0.73 -13.81 -18.23
C ILE A 735 0.59 -13.40 -17.58
N CYS A 736 1.00 -14.09 -16.51
CA CYS A 736 2.25 -13.84 -15.80
C CYS A 736 2.40 -12.38 -15.39
N LYS A 737 1.28 -11.72 -15.12
CA LYS A 737 1.24 -10.34 -14.68
C LYS A 737 0.73 -10.28 -13.25
N ALA A 738 1.37 -9.46 -12.42
CA ALA A 738 1.00 -9.36 -11.01
C ALA A 738 1.30 -7.97 -10.50
N ARG A 739 0.70 -7.64 -9.36
CA ARG A 739 0.91 -6.34 -8.73
C ARG A 739 2.34 -6.20 -8.22
N MET A 740 2.95 -5.07 -8.54
CA MET A 740 4.33 -4.74 -8.18
C MET A 740 4.36 -3.59 -7.19
N LYS A 741 3.52 -3.69 -6.15
CA LYS A 741 3.37 -2.60 -5.19
C LYS A 741 4.63 -2.44 -4.35
N LEU A 742 5.50 -1.54 -4.77
CA LEU A 742 6.77 -1.29 -4.10
C LEU A 742 6.90 0.19 -3.77
N PHE A 743 8.01 0.54 -3.10
CA PHE A 743 8.28 1.90 -2.67
C PHE A 743 9.71 2.28 -3.02
N THR A 744 9.92 3.55 -3.32
CA THR A 744 11.25 4.10 -3.62
C THR A 744 11.58 5.16 -2.59
N SER A 745 12.59 4.86 -1.75
CA SER A 745 12.93 5.76 -0.66
C SER A 745 13.58 7.05 -1.15
N HIS A 746 14.36 6.98 -2.24
CA HIS A 746 15.14 8.13 -2.68
C HIS A 746 14.27 9.30 -3.13
N ASN A 747 13.03 9.06 -3.54
CA ASN A 747 12.15 10.14 -3.95
C ASN A 747 10.72 10.02 -3.41
N ASN A 748 10.44 9.03 -2.55
CA ASN A 748 9.12 8.84 -1.95
C ASN A 748 8.05 8.63 -3.02
N LEU A 749 8.22 7.55 -3.77
CA LEU A 749 7.26 7.12 -4.79
C LEU A 749 6.78 5.70 -4.48
N THR A 750 5.48 5.49 -4.56
CA THR A 750 4.88 4.17 -4.49
C THR A 750 4.33 3.81 -5.87
N SER A 751 4.82 2.72 -6.44
CA SER A 751 4.42 2.30 -7.79
C SER A 751 3.64 1.01 -7.70
N TYR A 752 2.40 1.04 -8.21
CA TYR A 752 1.58 -0.16 -8.31
C TYR A 752 1.70 -0.74 -9.72
N ALA A 753 2.94 -1.04 -10.09
CA ALA A 753 3.27 -1.42 -11.46
C ALA A 753 2.94 -2.89 -11.70
N THR A 754 3.33 -3.39 -12.87
CA THR A 754 3.10 -4.78 -13.25
C THR A 754 4.27 -5.26 -14.10
N VAL A 755 4.93 -6.33 -13.63
CA VAL A 755 6.07 -6.92 -14.30
C VAL A 755 5.83 -8.42 -14.42
N TRP A 756 6.58 -9.06 -15.31
CA TRP A 756 6.42 -10.50 -15.56
C TRP A 756 6.55 -11.29 -14.26
N ALA A 757 5.63 -12.22 -14.06
CA ALA A 757 5.61 -12.98 -12.83
C ALA A 757 6.78 -13.93 -12.74
N SER A 758 7.15 -14.29 -11.50
CA SER A 758 8.22 -15.25 -11.27
C SER A 758 7.86 -16.60 -11.86
N LYS A 759 8.88 -17.31 -12.36
CA LYS A 759 8.64 -18.61 -12.95
C LYS A 759 8.09 -19.60 -11.93
N THR A 760 8.66 -19.61 -10.72
CA THR A 760 8.14 -20.48 -9.67
C THR A 760 6.64 -20.32 -9.54
N ASN A 761 6.17 -19.08 -9.58
CA ASN A 761 4.73 -18.82 -9.64
C ASN A 761 4.11 -19.40 -10.91
N LEU A 762 4.87 -19.44 -12.01
CA LEU A 762 4.33 -19.98 -13.25
C LEU A 762 4.06 -21.47 -13.13
N GLU A 763 5.02 -22.26 -12.65
CA GLU A 763 4.72 -23.67 -12.42
C GLU A 763 3.75 -23.88 -11.28
N GLN A 764 3.66 -22.94 -10.33
CA GLN A 764 2.62 -23.05 -9.31
C GLN A 764 1.24 -22.98 -9.94
N ARG A 765 1.04 -22.00 -10.84
CA ARG A 765 -0.21 -21.92 -11.58
C ARG A 765 -0.41 -23.12 -12.48
N LYS A 766 0.67 -23.61 -13.09
CA LYS A 766 0.58 -24.78 -13.97
C LYS A 766 0.08 -25.99 -13.22
N GLY A 767 0.54 -26.19 -11.98
CA GLY A 767 0.06 -27.26 -11.14
C GLY A 767 -1.14 -26.93 -10.28
N ARG A 768 -1.76 -25.76 -10.47
CA ARG A 768 -2.87 -25.37 -9.62
C ARG A 768 -4.07 -26.30 -9.79
N ALA A 769 -4.39 -26.65 -11.03
CA ALA A 769 -5.59 -27.42 -11.33
C ALA A 769 -5.27 -28.91 -11.46
N GLY A 770 -6.29 -29.70 -11.81
CA GLY A 770 -6.13 -31.13 -11.96
C GLY A 770 -6.52 -31.90 -10.72
N ARG A 771 -7.68 -31.57 -10.14
CA ARG A 771 -8.14 -32.25 -8.94
CA ARG A 771 -8.14 -32.25 -8.94
C ARG A 771 -8.37 -33.74 -9.21
N VAL A 772 -9.35 -34.04 -10.07
CA VAL A 772 -9.63 -35.41 -10.50
C VAL A 772 -9.41 -35.57 -12.00
N ARG A 773 -9.76 -34.55 -12.79
CA ARG A 773 -9.39 -34.54 -14.19
C ARG A 773 -7.88 -34.39 -14.33
N PRO A 774 -7.29 -34.88 -15.43
CA PRO A 774 -5.85 -34.72 -15.61
C PRO A 774 -5.41 -33.27 -15.59
N GLY A 775 -6.22 -32.35 -16.12
CA GLY A 775 -5.87 -30.95 -16.12
C GLY A 775 -5.43 -30.44 -17.47
N PHE A 776 -5.75 -29.17 -17.76
CA PHE A 776 -5.42 -28.57 -19.04
C PHE A 776 -4.85 -27.18 -18.77
N CYS A 777 -3.59 -26.98 -19.13
CA CYS A 777 -2.88 -25.73 -18.86
C CYS A 777 -2.82 -24.89 -20.13
N PHE A 778 -3.35 -23.67 -20.07
CA PHE A 778 -3.34 -22.73 -21.18
C PHE A 778 -2.46 -21.56 -20.78
N THR A 779 -1.23 -21.53 -21.31
CA THR A 779 -0.25 -20.52 -20.98
C THR A 779 -0.17 -19.49 -22.09
N LEU A 780 -0.33 -18.22 -21.74
CA LEU A 780 -0.23 -17.13 -22.71
C LEU A 780 1.17 -16.51 -22.58
N CYS A 781 2.15 -17.24 -23.11
CA CYS A 781 3.54 -16.80 -23.05
C CYS A 781 4.27 -17.29 -24.28
N SER A 782 5.38 -16.62 -24.58
CA SER A 782 6.25 -16.99 -25.69
C SER A 782 7.36 -17.89 -25.19
N ARG A 783 8.00 -18.59 -26.14
CA ARG A 783 9.09 -19.52 -25.80
C ARG A 783 10.22 -18.80 -25.08
N ALA A 784 10.73 -17.72 -25.68
CA ALA A 784 11.90 -17.03 -25.14
C ALA A 784 11.60 -16.45 -23.77
N ARG A 785 10.43 -15.84 -23.59
CA ARG A 785 10.07 -15.34 -22.27
C ARG A 785 9.88 -16.49 -21.29
N PHE A 786 9.31 -17.60 -21.75
CA PHE A 786 9.08 -18.74 -20.86
C PHE A 786 10.38 -19.36 -20.38
N GLN A 787 11.45 -19.27 -21.17
CA GLN A 787 12.75 -19.82 -20.77
C GLN A 787 13.74 -18.74 -20.34
N ALA A 788 13.32 -17.48 -20.28
CA ALA A 788 14.23 -16.37 -20.03
C ALA A 788 14.22 -15.88 -18.59
N LEU A 789 13.05 -15.51 -18.07
CA LEU A 789 12.98 -14.89 -16.76
C LEU A 789 13.36 -15.87 -15.65
N GLU A 790 13.77 -15.31 -14.51
CA GLU A 790 14.29 -16.12 -13.42
C GLU A 790 13.20 -16.96 -12.77
N ASP A 791 13.62 -18.05 -12.13
CA ASP A 791 12.66 -18.97 -11.51
C ASP A 791 11.92 -18.30 -10.37
N ASN A 792 12.65 -17.68 -9.45
CA ASN A 792 12.05 -17.08 -8.26
C ASN A 792 11.69 -15.62 -8.55
N LEU A 793 11.37 -14.88 -7.49
CA LEU A 793 11.06 -13.46 -7.57
C LEU A 793 12.13 -12.69 -6.81
N THR A 794 12.32 -11.42 -7.18
CA THR A 794 13.31 -10.61 -6.52
C THR A 794 12.95 -10.45 -5.04
N PRO A 795 13.94 -10.45 -4.14
CA PRO A 795 13.65 -10.31 -2.71
C PRO A 795 13.08 -8.93 -2.42
N GLU A 796 11.84 -8.90 -1.91
CA GLU A 796 11.23 -7.64 -1.55
C GLU A 796 11.97 -6.94 -0.42
N MET A 797 12.65 -7.69 0.44
CA MET A 797 13.43 -7.08 1.51
C MET A 797 14.65 -6.34 0.96
N PHE A 798 15.04 -6.59 -0.28
CA PHE A 798 16.08 -5.76 -0.89
C PHE A 798 15.60 -4.33 -1.12
N ARG A 799 14.36 -4.16 -1.57
CA ARG A 799 13.82 -2.84 -1.87
C ARG A 799 12.65 -2.58 -0.91
N THR A 800 12.99 -2.10 0.28
CA THR A 800 12.07 -1.78 1.35
C THR A 800 12.83 -1.03 2.43
N PRO A 801 12.28 0.05 3.00
CA PRO A 801 12.98 0.73 4.10
C PRO A 801 13.16 -0.20 5.29
N LEU A 802 14.32 -0.11 5.92
CA LEU A 802 14.67 -0.95 7.06
C LEU A 802 14.57 -0.21 8.40
N HIS A 803 14.08 1.02 8.41
CA HIS A 803 14.08 1.81 9.64
C HIS A 803 13.20 1.16 10.71
N GLU A 804 12.04 0.63 10.32
CA GLU A 804 11.15 0.01 11.29
C GLU A 804 11.77 -1.27 11.86
N MET A 805 12.32 -2.13 10.99
CA MET A 805 13.03 -3.30 11.46
C MET A 805 14.23 -2.93 12.32
N ALA A 806 14.97 -1.88 11.93
CA ALA A 806 16.12 -1.46 12.71
C ALA A 806 15.73 -1.01 14.11
N LEU A 807 14.64 -0.23 14.20
CA LEU A 807 14.17 0.21 15.51
C LEU A 807 13.70 -1.00 16.33
N THR A 808 12.99 -1.93 15.70
CA THR A 808 12.52 -3.12 16.39
C THR A 808 13.68 -3.91 16.97
N ILE A 809 14.71 -4.16 16.16
CA ILE A 809 15.84 -4.94 16.64
C ILE A 809 16.61 -4.17 17.71
N LYS A 810 16.72 -2.84 17.55
CA LYS A 810 17.45 -2.05 18.52
C LYS A 810 16.74 -1.95 19.87
N LEU A 811 15.43 -2.15 19.91
CA LEU A 811 14.80 -2.23 21.22
C LEU A 811 15.08 -3.58 21.88
N LEU A 812 15.22 -4.64 21.09
CA LEU A 812 15.51 -5.97 21.63
C LEU A 812 16.98 -6.16 22.00
N ARG A 813 17.75 -5.08 22.09
CA ARG A 813 19.16 -5.09 22.48
C ARG A 813 19.93 -6.24 21.84
N LEU A 814 19.73 -6.40 20.53
CA LEU A 814 20.35 -7.48 19.77
C LEU A 814 21.65 -7.06 19.10
N GLY A 815 22.31 -6.03 19.62
CA GLY A 815 23.59 -5.61 19.07
C GLY A 815 23.45 -4.85 17.76
N SER A 816 24.56 -4.80 17.03
CA SER A 816 24.62 -4.05 15.79
C SER A 816 23.70 -4.64 14.73
N ILE A 817 23.04 -3.77 13.98
CA ILE A 817 22.20 -4.20 12.87
C ILE A 817 23.06 -4.82 11.76
N HIS A 818 24.27 -4.30 11.58
CA HIS A 818 25.14 -4.82 10.52
C HIS A 818 25.47 -6.29 10.75
N HIS A 819 25.81 -6.65 11.99
CA HIS A 819 26.07 -8.06 12.30
C HIS A 819 24.83 -8.90 12.05
N PHE A 820 23.67 -8.40 12.45
CA PHE A 820 22.41 -9.13 12.26
C PHE A 820 22.16 -9.41 10.79
N LEU A 821 22.29 -8.38 9.95
CA LEU A 821 22.04 -8.57 8.52
C LEU A 821 23.13 -9.44 7.88
N SER A 822 24.34 -9.43 8.44
CA SER A 822 25.35 -10.39 8.01
C SER A 822 24.90 -11.82 8.30
N LYS A 823 24.33 -12.05 9.48
CA LYS A 823 23.78 -13.36 9.81
C LYS A 823 22.29 -13.47 9.48
N ALA A 824 21.95 -13.12 8.23
CA ALA A 824 20.58 -13.18 7.74
C ALA A 824 20.51 -14.11 6.54
N LEU A 825 19.28 -14.37 6.08
CA LEU A 825 19.09 -15.22 4.90
C LEU A 825 19.76 -14.61 3.68
N GLU A 826 19.47 -13.34 3.39
CA GLU A 826 20.11 -12.62 2.31
C GLU A 826 20.60 -11.29 2.85
N PRO A 827 21.90 -11.01 2.75
CA PRO A 827 22.43 -9.73 3.22
C PRO A 827 21.85 -8.58 2.42
N PRO A 828 21.10 -7.68 3.05
CA PRO A 828 20.58 -6.53 2.34
C PRO A 828 21.72 -5.64 1.87
N PRO A 829 21.55 -4.94 0.75
CA PRO A 829 22.62 -4.07 0.26
C PRO A 829 22.93 -2.98 1.27
N VAL A 830 24.20 -2.58 1.33
CA VAL A 830 24.68 -1.69 2.38
C VAL A 830 23.96 -0.35 2.34
N ASP A 831 23.50 0.08 1.16
CA ASP A 831 22.79 1.35 1.08
C ASP A 831 21.49 1.30 1.86
N ALA A 832 20.87 0.12 1.94
CA ALA A 832 19.62 -0.01 2.68
C ALA A 832 19.83 0.18 4.18
N VAL A 833 20.83 -0.50 4.75
CA VAL A 833 21.10 -0.33 6.17
C VAL A 833 21.59 1.09 6.45
N ILE A 834 22.36 1.67 5.52
CA ILE A 834 22.83 3.04 5.71
C ILE A 834 21.66 4.02 5.73
N GLU A 835 20.71 3.87 4.79
CA GLU A 835 19.59 4.79 4.75
C GLU A 835 18.68 4.60 5.96
N ALA A 836 18.50 3.36 6.41
CA ALA A 836 17.73 3.16 7.64
C ALA A 836 18.41 3.80 8.83
N GLU A 837 19.73 3.65 8.93
CA GLU A 837 20.47 4.22 10.05
C GLU A 837 20.40 5.74 10.04
N VAL A 838 20.57 6.36 8.87
CA VAL A 838 20.51 7.82 8.83
C VAL A 838 19.08 8.32 9.05
N LEU A 839 18.09 7.60 8.52
CA LEU A 839 16.70 7.97 8.75
C LEU A 839 16.32 7.87 10.22
N LEU A 840 16.98 7.00 10.98
CA LEU A 840 16.72 6.96 12.41
C LEU A 840 17.52 8.01 13.18
N ARG A 841 18.81 8.14 12.89
CA ARG A 841 19.67 9.05 13.65
C ARG A 841 19.30 10.50 13.40
N GLU A 842 19.20 10.91 12.13
CA GLU A 842 18.86 12.29 11.79
C GLU A 842 17.41 12.63 12.09
N MET A 843 16.59 11.64 12.40
CA MET A 843 15.26 11.87 12.93
C MET A 843 15.28 12.07 14.44
N ARG A 844 16.48 12.10 15.03
CA ARG A 844 16.67 12.34 16.46
C ARG A 844 15.92 11.31 17.30
N CYS A 845 16.05 10.04 16.91
CA CYS A 845 15.45 8.94 17.64
C CYS A 845 16.46 7.92 18.13
N LEU A 846 17.64 7.87 17.50
CA LEU A 846 18.74 7.03 17.95
C LEU A 846 19.95 7.92 18.15
N ASP A 847 20.65 7.75 19.27
CA ASP A 847 21.80 8.57 19.57
C ASP A 847 22.94 8.30 18.59
N ALA A 848 23.77 9.31 18.39
CA ALA A 848 24.87 9.21 17.43
C ALA A 848 25.84 8.08 17.77
N ASN A 849 25.95 7.72 19.05
CA ASN A 849 26.73 6.57 19.50
C ASN A 849 25.88 5.31 19.62
N ASP A 850 24.77 5.26 18.88
CA ASP A 850 23.89 4.09 18.82
C ASP A 850 23.36 3.72 20.21
N GLU A 851 22.60 4.65 20.78
CA GLU A 851 21.91 4.44 22.05
C GLU A 851 20.44 4.75 21.87
N LEU A 852 19.60 3.85 22.38
CA LEU A 852 18.16 3.94 22.14
C LEU A 852 17.52 4.96 23.06
N THR A 853 16.77 5.89 22.47
CA THR A 853 16.01 6.86 23.23
C THR A 853 14.68 6.26 23.68
N PRO A 854 14.10 6.76 24.77
CA PRO A 854 12.75 6.33 25.14
C PRO A 854 11.72 6.62 24.06
N LEU A 855 11.98 7.61 23.21
CA LEU A 855 11.07 7.90 22.10
C LEU A 855 10.93 6.69 21.18
N GLY A 856 12.07 6.07 20.85
CA GLY A 856 12.01 4.87 20.04
C GLY A 856 11.30 3.73 20.74
N ARG A 857 11.46 3.63 22.06
CA ARG A 857 10.74 2.63 22.83
C ARG A 857 9.23 2.86 22.72
N LEU A 858 8.80 4.12 22.76
CA LEU A 858 7.40 4.43 22.53
C LEU A 858 6.99 4.03 21.12
N LEU A 859 7.84 4.33 20.13
CA LEU A 859 7.50 4.05 18.74
C LEU A 859 7.31 2.56 18.48
N ALA A 860 8.14 1.72 19.10
CA ALA A 860 8.10 0.30 18.80
C ALA A 860 6.75 -0.31 19.14
N ARG A 861 6.20 0.04 20.30
CA ARG A 861 4.87 -0.48 20.67
C ARG A 861 3.79 0.08 19.75
N LEU A 862 4.05 1.24 19.14
CA LEU A 862 3.10 1.81 18.20
C LEU A 862 3.13 1.01 16.91
N PRO A 863 2.00 0.45 16.46
CA PRO A 863 2.01 -0.31 15.21
C PRO A 863 1.89 0.58 13.99
N ILE A 864 2.63 1.69 13.98
CA ILE A 864 2.62 2.65 12.88
C ILE A 864 4.06 3.09 12.65
N GLU A 865 4.33 3.59 11.44
CA GLU A 865 5.64 4.13 11.13
C GLU A 865 5.92 5.34 12.00
N PRO A 866 7.20 5.66 12.26
CA PRO A 866 7.52 6.77 13.17
C PRO A 866 6.99 8.12 12.71
N ARG A 867 6.71 8.28 11.41
CA ARG A 867 6.15 9.53 10.90
C ARG A 867 4.83 9.87 11.54
N LEU A 868 4.14 8.91 12.14
CA LEU A 868 2.93 9.20 12.90
C LEU A 868 3.10 9.09 14.41
N GLY A 869 4.00 8.24 14.91
CA GLY A 869 4.20 8.16 16.34
C GLY A 869 4.89 9.38 16.91
N LYS A 870 5.91 9.90 16.20
CA LYS A 870 6.59 11.13 16.59
C LYS A 870 5.61 12.23 16.96
N MET A 871 4.41 12.20 16.38
CA MET A 871 3.43 13.26 16.51
C MET A 871 2.16 12.81 17.21
N MET A 872 1.98 11.50 17.37
CA MET A 872 1.11 11.02 18.43
C MET A 872 1.66 11.46 19.78
N VAL A 873 2.97 11.67 19.86
CA VAL A 873 3.55 12.35 21.01
C VAL A 873 2.97 13.76 21.14
N LEU A 874 2.98 14.52 20.05
CA LEU A 874 2.60 15.93 20.11
C LEU A 874 1.10 16.15 20.21
N GLY A 875 0.29 15.21 19.72
CA GLY A 875 -1.15 15.42 19.74
C GLY A 875 -1.70 15.61 21.15
N ALA A 876 -1.19 14.80 22.08
CA ALA A 876 -1.54 14.99 23.49
C ALA A 876 -0.92 16.24 24.08
N VAL A 877 0.19 16.71 23.53
CA VAL A 877 0.79 17.95 24.02
C VAL A 877 -0.15 19.13 23.79
N PHE A 878 -0.85 19.13 22.65
CA PHE A 878 -1.71 20.23 22.27
C PHE A 878 -3.18 19.97 22.60
N GLY A 879 -3.48 18.89 23.31
CA GLY A 879 -4.87 18.58 23.65
C GLY A 879 -5.74 18.30 22.45
N CYS A 880 -5.24 17.53 21.49
CA CYS A 880 -5.99 17.15 20.30
C CYS A 880 -5.76 15.66 20.02
N ALA A 881 -5.57 14.90 21.09
CA ALA A 881 -5.04 13.54 20.97
C ALA A 881 -6.02 12.60 20.26
N ASP A 882 -7.33 12.74 20.53
CA ASP A 882 -8.29 11.85 19.88
C ASP A 882 -8.30 12.05 18.37
N LEU A 883 -8.33 13.31 17.93
CA LEU A 883 -8.28 13.60 16.50
C LEU A 883 -6.98 13.11 15.89
N MET A 884 -5.90 13.14 16.67
CA MET A 884 -4.62 12.67 16.16
C MET A 884 -4.62 11.15 16.02
N ALA A 885 -5.21 10.44 16.98
CA ALA A 885 -5.38 9.01 16.81
C ALA A 885 -6.21 8.70 15.57
N ILE A 886 -7.25 9.49 15.33
CA ILE A 886 -8.08 9.29 14.15
C ILE A 886 -7.27 9.47 12.88
N MET A 887 -6.55 10.59 12.77
CA MET A 887 -5.78 10.87 11.56
C MET A 887 -4.69 9.83 11.33
N ALA A 888 -3.99 9.43 12.39
CA ALA A 888 -2.95 8.42 12.24
C ALA A 888 -3.52 7.09 11.80
N SER A 889 -4.62 6.67 12.43
CA SER A 889 -5.25 5.40 12.07
C SER A 889 -5.71 5.42 10.62
N TYR A 890 -6.29 6.52 10.16
CA TYR A 890 -6.78 6.55 8.80
C TYR A 890 -5.66 6.70 7.77
N SER A 891 -4.59 7.42 8.12
CA SER A 891 -3.48 7.58 7.19
C SER A 891 -2.71 6.28 7.04
N SER A 892 -2.41 5.61 8.17
CA SER A 892 -1.67 4.35 8.09
C SER A 892 -2.48 3.28 7.38
N THR A 893 -3.77 3.17 7.68
CA THR A 893 -4.63 2.18 7.05
C THR A 893 -5.10 2.73 5.71
N PHE A 894 -4.49 2.28 4.62
CA PHE A 894 -4.83 2.77 3.29
C PHE A 894 -6.20 2.23 2.89
N SER A 895 -7.22 3.09 2.92
CA SER A 895 -8.57 2.69 2.57
C SER A 895 -9.31 3.89 2.00
N GLU A 896 -10.59 3.69 1.72
CA GLU A 896 -11.40 4.68 1.02
C GLU A 896 -12.09 5.60 2.03
N VAL A 897 -12.79 6.61 1.53
CA VAL A 897 -13.48 7.57 2.39
C VAL A 897 -14.94 7.18 2.52
N PHE A 898 -15.47 6.49 1.52
CA PHE A 898 -16.89 6.18 1.48
C PHE A 898 -17.10 4.88 0.72
N SER A 899 -18.33 4.37 0.79
CA SER A 899 -18.75 3.22 -0.01
C SER A 899 -19.17 3.72 -1.39
N LEU A 900 -18.16 3.96 -2.24
CA LEU A 900 -18.39 4.55 -3.54
C LEU A 900 -19.19 3.61 -4.44
N ASP A 901 -20.12 4.18 -5.21
CA ASP A 901 -20.93 3.42 -6.13
C ASP A 901 -20.16 3.07 -7.39
N ILE A 902 -20.65 2.05 -8.10
CA ILE A 902 -19.99 1.60 -9.32
C ILE A 902 -20.22 2.61 -10.43
N GLY A 903 -19.25 2.71 -11.34
CA GLY A 903 -19.36 3.63 -12.46
C GLY A 903 -19.47 5.07 -12.06
N GLN A 904 -18.79 5.48 -10.99
CA GLN A 904 -18.88 6.83 -10.45
C GLN A 904 -17.52 7.50 -10.57
N ARG A 905 -17.51 8.72 -11.11
CA ARG A 905 -16.28 9.46 -11.35
C ARG A 905 -16.07 10.64 -10.42
N ARG A 906 -17.06 11.00 -9.62
CA ARG A 906 -16.96 12.14 -8.70
C ARG A 906 -17.63 11.72 -7.40
N LEU A 907 -17.94 12.70 -6.54
CA LEU A 907 -18.66 12.43 -5.30
C LEU A 907 -20.02 13.13 -5.33
N ALA A 908 -20.98 12.53 -4.64
CA ALA A 908 -22.36 12.99 -4.67
C ALA A 908 -22.50 14.29 -3.86
N ASN A 909 -23.73 14.76 -3.72
CA ASN A 909 -23.98 16.03 -3.04
C ASN A 909 -23.52 16.00 -1.59
N HIS A 910 -23.96 14.99 -0.84
CA HIS A 910 -23.55 14.90 0.57
C HIS A 910 -22.10 14.44 0.69
N GLN A 911 -21.63 13.60 -0.23
CA GLN A 911 -20.23 13.17 -0.20
C GLN A 911 -19.28 14.35 -0.29
N LYS A 912 -19.70 15.42 -0.97
CA LYS A 912 -18.92 16.65 -1.01
C LYS A 912 -19.32 17.63 0.08
N ALA A 913 -20.55 17.54 0.57
CA ALA A 913 -21.02 18.47 1.59
C ALA A 913 -20.40 18.20 2.95
N LEU A 914 -20.15 16.93 3.28
CA LEU A 914 -19.49 16.62 4.55
C LEU A 914 -18.09 17.21 4.66
N SER A 915 -17.48 17.59 3.53
CA SER A 915 -16.24 18.35 3.59
C SER A 915 -16.47 19.71 4.25
N GLY A 916 -17.57 20.37 3.91
CA GLY A 916 -17.95 21.61 4.55
C GLY A 916 -17.07 22.79 4.17
N THR A 917 -17.14 23.82 5.02
CA THR A 917 -16.37 25.04 4.78
C THR A 917 -14.88 24.75 4.80
N LYS A 918 -14.43 23.88 5.71
CA LYS A 918 -13.02 23.47 5.71
C LYS A 918 -12.66 22.76 4.43
N CYS A 919 -13.60 22.02 3.85
CA CYS A 919 -13.43 21.31 2.58
C CYS A 919 -12.27 20.32 2.62
N SER A 920 -12.05 19.68 3.76
CA SER A 920 -11.00 18.68 3.90
C SER A 920 -11.61 17.29 4.05
N ASP A 921 -11.00 16.32 3.38
CA ASP A 921 -11.42 14.93 3.54
C ASP A 921 -11.19 14.45 4.96
N HIS A 922 -10.12 14.93 5.60
CA HIS A 922 -9.81 14.52 6.96
C HIS A 922 -10.92 14.95 7.92
N VAL A 923 -11.30 16.22 7.87
CA VAL A 923 -12.38 16.69 8.74
C VAL A 923 -13.70 16.04 8.36
N ALA A 924 -13.87 15.71 7.07
CA ALA A 924 -15.09 15.04 6.64
C ALA A 924 -15.21 13.66 7.28
N MET A 925 -14.14 12.88 7.25
CA MET A 925 -14.20 11.56 7.88
C MET A 925 -14.27 11.68 9.41
N ILE A 926 -13.65 12.71 9.98
CA ILE A 926 -13.77 12.93 11.42
C ILE A 926 -15.22 13.16 11.82
N VAL A 927 -15.90 14.07 11.12
CA VAL A 927 -17.29 14.35 11.46
C VAL A 927 -18.16 13.14 11.15
N ALA A 928 -17.85 12.41 10.09
CA ALA A 928 -18.60 11.19 9.79
C ALA A 928 -18.49 10.20 10.94
N SER A 929 -17.29 10.02 11.48
CA SER A 929 -17.13 9.18 12.67
C SER A 929 -17.90 9.74 13.85
N GLN A 930 -17.98 11.07 13.95
CA GLN A 930 -18.70 11.69 15.06
C GLN A 930 -20.19 11.36 14.99
N MET A 931 -20.81 11.56 13.83
CA MET A 931 -22.22 11.15 13.71
C MET A 931 -22.38 9.65 13.85
N TRP A 932 -21.41 8.85 13.42
CA TRP A 932 -21.53 7.41 13.62
C TRP A 932 -21.53 7.06 15.10
N ARG A 933 -20.72 7.75 15.90
CA ARG A 933 -20.75 7.55 17.34
C ARG A 933 -22.09 7.96 17.93
N ARG A 934 -22.58 9.14 17.56
CA ARG A 934 -23.85 9.58 18.13
C ARG A 934 -25.03 8.76 17.63
N GLU A 935 -24.87 8.01 16.53
CA GLU A 935 -25.91 7.11 16.06
C GLU A 935 -25.78 5.72 16.65
N LYS A 936 -24.55 5.25 16.91
CA LYS A 936 -24.37 4.00 17.63
C LYS A 936 -24.77 4.15 19.09
N GLN A 937 -24.88 5.39 19.58
CA GLN A 937 -25.61 5.59 20.83
C GLN A 937 -27.02 5.03 20.74
N ARG A 938 -27.61 5.04 19.53
CA ARG A 938 -28.86 4.35 19.24
C ARG A 938 -28.56 2.97 18.67
N GLY A 939 -29.59 2.32 18.14
CA GLY A 939 -29.42 0.99 17.57
C GLY A 939 -28.63 1.00 16.28
N GLU A 940 -28.28 -0.20 15.83
CA GLU A 940 -27.51 -0.39 14.60
C GLU A 940 -28.37 -0.69 13.39
N HIS A 941 -29.58 -1.22 13.59
CA HIS A 941 -30.42 -1.62 12.46
C HIS A 941 -30.71 -0.44 11.54
N MET A 942 -31.20 0.66 12.10
CA MET A 942 -31.40 1.87 11.29
C MET A 942 -30.11 2.66 11.11
N GLU A 943 -29.10 2.42 11.96
CA GLU A 943 -27.82 3.10 11.80
C GLU A 943 -27.15 2.72 10.50
N ALA A 944 -27.21 1.42 10.14
CA ALA A 944 -26.63 0.99 8.88
C ALA A 944 -27.30 1.66 7.69
N ARG A 945 -28.63 1.75 7.72
CA ARG A 945 -29.36 2.41 6.64
C ARG A 945 -29.00 3.89 6.57
N PHE A 946 -28.91 4.56 7.72
CA PHE A 946 -28.55 5.98 7.73
C PHE A 946 -27.15 6.19 7.19
N CYS A 947 -26.20 5.35 7.58
CA CYS A 947 -24.82 5.49 7.10
C CYS A 947 -24.71 5.17 5.62
N ASP A 948 -25.48 4.21 5.13
CA ASP A 948 -25.53 3.97 3.69
C ASP A 948 -26.12 5.18 2.96
N TRP A 949 -27.15 5.80 3.55
CA TRP A 949 -27.65 7.07 3.04
C TRP A 949 -26.58 8.15 3.12
N LYS A 950 -25.67 8.05 4.09
CA LYS A 950 -24.48 8.88 4.12
C LYS A 950 -23.36 8.34 3.26
N GLY A 951 -23.53 7.16 2.67
CA GLY A 951 -22.50 6.56 1.86
C GLY A 951 -21.33 5.97 2.62
N LEU A 952 -21.47 5.80 3.93
CA LEU A 952 -20.36 5.30 4.74
C LEU A 952 -20.04 3.85 4.40
N GLN A 953 -18.79 3.47 4.67
CA GLN A 953 -18.24 2.20 4.24
C GLN A 953 -18.11 1.18 5.37
N MET A 954 -18.71 1.46 6.53
CA MET A 954 -18.76 0.51 7.64
C MET A 954 -17.38 0.09 8.13
N SER A 955 -16.85 -0.98 7.53
CA SER A 955 -15.71 -1.69 8.09
C SER A 955 -14.48 -0.81 8.19
N THR A 956 -14.22 0.00 7.16
CA THR A 956 -13.03 0.85 7.18
C THR A 956 -13.01 1.76 8.40
N MET A 957 -14.09 2.50 8.61
CA MET A 957 -14.11 3.44 9.72
C MET A 957 -14.27 2.73 11.05
N ASN A 958 -14.86 1.53 11.06
CA ASN A 958 -14.87 0.73 12.27
C ASN A 958 -13.46 0.36 12.69
N VAL A 959 -12.63 -0.06 11.72
CA VAL A 959 -11.23 -0.35 12.00
C VAL A 959 -10.50 0.91 12.44
N ILE A 960 -10.84 2.05 11.84
CA ILE A 960 -10.23 3.32 12.26
C ILE A 960 -10.58 3.62 13.72
N TRP A 961 -11.83 3.41 14.10
CA TRP A 961 -12.25 3.64 15.48
C TRP A 961 -11.52 2.70 16.45
N ASP A 962 -11.43 1.42 16.09
CA ASP A 962 -10.74 0.47 16.96
C ASP A 962 -9.27 0.84 17.10
N ALA A 963 -8.63 1.25 16.00
CA ALA A 963 -7.24 1.66 16.07
C ALA A 963 -7.07 2.92 16.91
N LYS A 964 -8.00 3.87 16.80
CA LYS A 964 -7.93 5.06 17.65
C LYS A 964 -8.01 4.68 19.12
N GLN A 965 -8.93 3.77 19.46
CA GLN A 965 -9.04 3.32 20.84
C GLN A 965 -7.75 2.65 21.31
N GLN A 966 -7.16 1.80 20.48
CA GLN A 966 -5.93 1.12 20.86
C GLN A 966 -4.77 2.11 21.03
N LEU A 967 -4.68 3.09 20.13
CA LEU A 967 -3.65 4.12 20.25
C LEU A 967 -3.81 4.94 21.53
N LEU A 968 -5.04 5.36 21.84
CA LEU A 968 -5.23 6.14 23.06
C LEU A 968 -4.93 5.30 24.30
N ASP A 969 -5.29 4.01 24.27
CA ASP A 969 -4.92 3.14 25.38
C ASP A 969 -3.41 3.02 25.52
N LEU A 970 -2.71 2.85 24.41
CA LEU A 970 -1.25 2.72 24.47
C LEU A 970 -0.61 4.00 25.00
N LEU A 971 -1.13 5.15 24.56
CA LEU A 971 -0.64 6.42 25.10
C LEU A 971 -0.96 6.55 26.59
N GLN A 972 -2.06 5.94 27.05
CA GLN A 972 -2.33 5.86 28.47
C GLN A 972 -1.25 5.08 29.20
N GLN A 973 -0.92 3.88 28.70
CA GLN A 973 0.14 3.11 29.35
C GLN A 973 1.50 3.78 29.20
N ALA A 974 1.65 4.69 28.23
CA ALA A 974 2.91 5.41 28.10
C ALA A 974 3.17 6.30 29.31
N GLY A 975 2.11 6.82 29.91
CA GLY A 975 2.24 7.67 31.09
C GLY A 975 1.54 9.00 30.94
N PHE A 976 0.94 9.22 29.78
CA PHE A 976 0.25 10.48 29.52
C PHE A 976 -1.13 10.48 30.17
N PRO A 977 -1.45 11.46 31.00
CA PRO A 977 -2.74 11.46 31.70
C PRO A 977 -3.92 11.63 30.75
N GLU A 978 -5.11 11.28 31.26
CA GLU A 978 -6.30 11.12 30.43
C GLU A 978 -6.89 12.44 29.95
N GLU A 979 -6.73 13.52 30.72
CA GLU A 979 -7.44 14.76 30.42
C GLU A 979 -7.11 15.28 29.02
N CYS A 980 -5.88 15.07 28.56
CA CYS A 980 -5.51 15.52 27.22
C CYS A 980 -6.11 14.63 26.13
N MET A 981 -6.59 13.44 26.50
CA MET A 981 -7.42 12.62 25.61
C MET A 981 -8.89 12.79 26.01
N ILE A 982 -9.52 13.83 25.48
CA ILE A 982 -10.94 14.08 25.66
C ILE A 982 -11.54 14.43 24.31
N SER A 983 -12.87 14.42 24.24
CA SER A 983 -13.56 14.69 22.99
C SER A 983 -13.32 16.11 22.53
N HIS A 984 -13.09 16.26 21.22
CA HIS A 984 -12.82 17.56 20.58
C HIS A 984 -13.67 17.72 19.34
N GLU A 985 -14.98 17.50 19.48
CA GLU A 985 -15.90 17.52 18.35
C GLU A 985 -15.84 18.86 17.63
N VAL A 986 -15.79 18.80 16.29
CA VAL A 986 -15.69 19.97 15.44
C VAL A 986 -16.73 19.85 14.35
N ASP A 987 -17.47 20.93 14.09
CA ASP A 987 -18.47 20.97 13.04
C ASP A 987 -17.88 21.63 11.80
N GLU A 988 -18.11 20.99 10.64
CA GLU A 988 -17.53 21.45 9.39
C GLU A 988 -18.27 22.65 8.80
N ARG A 989 -19.50 22.90 9.23
CA ARG A 989 -20.31 23.93 8.59
C ARG A 989 -19.88 25.34 8.96
N ILE A 990 -19.09 25.51 10.02
CA ILE A 990 -18.63 26.84 10.40
C ILE A 990 -17.32 27.15 9.70
N ASP A 991 -17.25 28.31 9.07
CA ASP A 991 -16.07 28.75 8.34
C ASP A 991 -15.11 29.57 9.20
N GLY A 992 -15.41 29.73 10.49
CA GLY A 992 -14.55 30.50 11.37
C GLY A 992 -13.27 29.80 11.74
N ASP A 993 -12.74 30.09 12.93
CA ASP A 993 -11.47 29.54 13.38
C ASP A 993 -11.66 28.83 14.71
N ASP A 994 -11.23 27.58 14.77
CA ASP A 994 -11.18 26.81 16.02
C ASP A 994 -9.76 26.34 16.24
N PRO A 995 -9.15 26.63 17.39
CA PRO A 995 -7.72 26.29 17.58
C PRO A 995 -7.41 24.82 17.42
N VAL A 996 -8.31 23.94 17.89
CA VAL A 996 -8.03 22.51 17.87
C VAL A 996 -7.86 22.02 16.42
N LEU A 997 -8.73 22.47 15.52
CA LEU A 997 -8.69 21.95 14.17
C LEU A 997 -7.49 22.48 13.39
N ASP A 998 -7.09 23.72 13.63
CA ASP A 998 -5.92 24.24 12.93
C ASP A 998 -4.63 23.64 13.48
N VAL A 999 -4.59 23.36 14.79
CA VAL A 999 -3.47 22.60 15.33
C VAL A 999 -3.42 21.22 14.69
N SER A 1000 -4.58 20.59 14.52
CA SER A 1000 -4.65 19.30 13.85
C SER A 1000 -4.10 19.39 12.43
N LEU A 1001 -4.52 20.43 11.70
CA LEU A 1001 -4.05 20.61 10.33
C LEU A 1001 -2.54 20.82 10.28
N ALA A 1002 -2.00 21.58 11.23
CA ALA A 1002 -0.55 21.76 11.29
C ALA A 1002 0.17 20.44 11.52
N LEU A 1003 -0.39 19.59 12.39
CA LEU A 1003 0.28 18.32 12.65
C LEU A 1003 0.16 17.39 11.46
N LEU A 1004 -0.98 17.42 10.75
CA LEU A 1004 -1.07 16.74 9.45
C LEU A 1004 0.02 17.22 8.50
N CYS A 1005 0.25 18.54 8.44
CA CYS A 1005 1.29 19.06 7.56
C CYS A 1005 2.66 18.52 7.93
N LEU A 1006 2.98 18.52 9.22
CA LEU A 1006 4.29 18.03 9.64
C LEU A 1006 4.39 16.51 9.46
N GLY A 1007 3.26 15.81 9.51
CA GLY A 1007 3.26 14.36 9.51
C GLY A 1007 3.51 13.71 8.18
N LEU A 1008 2.67 14.06 7.20
CA LEU A 1008 2.72 13.48 5.88
C LEU A 1008 3.94 13.94 5.08
N TYR A 1009 4.82 14.70 5.71
CA TYR A 1009 5.99 15.23 5.03
C TYR A 1009 6.84 14.09 4.48
N PRO A 1010 7.41 14.24 3.27
CA PRO A 1010 7.35 15.39 2.37
C PRO A 1010 6.30 15.22 1.27
N ASN A 1011 5.06 14.90 1.63
CA ASN A 1011 3.98 14.71 0.67
C ASN A 1011 3.19 15.98 0.41
N ILE A 1012 3.79 17.15 0.57
CA ILE A 1012 3.12 18.41 0.29
C ILE A 1012 2.99 18.58 -1.23
N CYS A 1013 2.11 19.47 -1.66
CA CYS A 1013 1.90 19.71 -3.08
C CYS A 1013 1.36 21.12 -3.27
N VAL A 1014 1.45 21.60 -4.52
CA VAL A 1014 0.97 22.93 -4.89
C VAL A 1014 -0.08 22.75 -5.99
N HIS A 1015 -1.26 23.32 -5.77
CA HIS A 1015 -2.34 23.24 -6.75
C HIS A 1015 -2.14 24.28 -7.83
N LYS A 1016 -2.23 23.87 -9.10
CA LYS A 1016 -2.08 24.77 -10.23
C LYS A 1016 -3.43 25.19 -10.81
N GLU A 1017 -4.21 24.23 -11.28
CA GLU A 1017 -5.51 24.51 -11.89
C GLU A 1017 -6.25 23.21 -12.10
N LYS A 1018 -7.53 23.18 -11.76
CA LYS A 1018 -8.38 21.98 -11.84
C LYS A 1018 -7.68 20.86 -11.09
N ARG A 1019 -7.58 19.65 -11.67
CA ARG A 1019 -6.88 18.56 -10.99
C ARG A 1019 -5.38 18.75 -11.03
N LYS A 1020 -4.88 19.46 -12.05
CA LYS A 1020 -3.44 19.63 -12.22
C LYS A 1020 -2.83 20.29 -10.99
N VAL A 1021 -1.96 19.55 -10.30
CA VAL A 1021 -1.26 20.04 -9.13
C VAL A 1021 0.22 19.72 -9.28
N LEU A 1022 1.04 20.47 -8.57
CA LEU A 1022 2.49 20.34 -8.61
C LEU A 1022 2.98 19.74 -7.30
N THR A 1023 3.76 18.66 -7.40
CA THR A 1023 4.32 18.01 -6.23
C THR A 1023 5.82 18.29 -6.15
N THR A 1024 6.46 17.67 -5.15
CA THR A 1024 7.87 17.94 -4.89
C THR A 1024 8.75 17.49 -6.06
N GLU A 1025 9.77 18.29 -6.35
CA GLU A 1025 10.80 17.98 -7.35
C GLU A 1025 10.25 17.88 -8.77
N SER A 1026 9.58 18.94 -9.23
CA SER A 1026 9.31 19.17 -10.65
C SER A 1026 8.55 18.00 -11.29
N LYS A 1027 7.41 17.66 -10.70
CA LYS A 1027 6.51 16.64 -11.26
C LYS A 1027 5.08 17.15 -11.18
N ALA A 1028 4.35 17.04 -12.30
CA ALA A 1028 2.94 17.36 -12.30
C ALA A 1028 2.14 16.21 -11.71
N ALA A 1029 0.96 16.53 -11.18
CA ALA A 1029 0.10 15.52 -10.57
C ALA A 1029 -1.34 15.98 -10.64
N LEU A 1030 -2.26 15.04 -10.40
CA LEU A 1030 -3.69 15.31 -10.38
C LEU A 1030 -4.26 14.80 -9.05
N LEU A 1031 -5.55 15.03 -8.87
CA LEU A 1031 -6.26 14.61 -7.66
C LEU A 1031 -6.88 13.23 -7.86
N HIS A 1032 -6.99 12.49 -6.77
CA HIS A 1032 -7.65 11.19 -6.82
C HIS A 1032 -9.14 11.37 -7.09
N LYS A 1033 -9.73 10.37 -7.75
CA LYS A 1033 -11.16 10.39 -8.02
C LYS A 1033 -11.95 10.43 -6.71
N THR A 1034 -11.53 9.66 -5.71
CA THR A 1034 -12.28 9.56 -4.47
C THR A 1034 -12.13 10.82 -3.62
N SER A 1035 -11.10 11.63 -3.88
CA SER A 1035 -10.88 12.84 -3.09
C SER A 1035 -12.08 13.77 -3.18
N VAL A 1036 -12.41 14.40 -2.05
CA VAL A 1036 -13.60 15.25 -1.97
C VAL A 1036 -13.44 16.51 -2.81
N ASN A 1037 -12.21 16.87 -3.18
CA ASN A 1037 -11.97 18.06 -3.97
C ASN A 1037 -12.06 17.79 -5.48
N CYS A 1038 -12.56 16.63 -5.87
CA CYS A 1038 -12.74 16.31 -7.28
C CYS A 1038 -14.04 16.94 -7.78
N SER A 1039 -14.04 17.38 -9.03
CA SER A 1039 -15.19 18.04 -9.63
C SER A 1039 -14.95 18.08 -11.14
N ASN A 1040 -15.83 18.79 -11.85
CA ASN A 1040 -15.67 19.05 -13.27
C ASN A 1040 -15.40 20.50 -13.60
N LEU A 1041 -15.84 21.43 -12.77
CA LEU A 1041 -15.62 22.85 -12.97
C LEU A 1041 -14.38 23.31 -12.18
N ALA A 1042 -14.01 24.57 -12.40
CA ALA A 1042 -12.87 25.16 -11.73
C ALA A 1042 -13.33 25.84 -10.45
N VAL A 1043 -12.93 25.27 -9.31
CA VAL A 1043 -13.25 25.83 -8.00
C VAL A 1043 -11.93 26.20 -7.33
N THR A 1044 -11.81 27.47 -6.95
CA THR A 1044 -10.60 27.98 -6.32
C THR A 1044 -10.73 27.81 -4.81
N PHE A 1045 -9.89 26.95 -4.23
CA PHE A 1045 -9.92 26.71 -2.81
C PHE A 1045 -9.38 27.92 -2.05
N PRO A 1046 -9.78 28.09 -0.79
CA PRO A 1046 -9.36 29.30 -0.05
C PRO A 1046 -7.86 29.48 0.04
N TYR A 1047 -7.09 28.39 0.05
CA TYR A 1047 -5.64 28.52 0.17
C TYR A 1047 -4.98 27.65 -0.91
N PRO A 1048 -3.95 28.16 -1.59
CA PRO A 1048 -3.33 27.41 -2.70
C PRO A 1048 -2.21 26.47 -2.25
N PHE A 1049 -2.50 25.66 -1.24
CA PHE A 1049 -1.52 24.70 -0.74
C PHE A 1049 -2.25 23.47 -0.21
N PHE A 1050 -1.82 22.29 -0.63
CA PHE A 1050 -2.44 21.04 -0.22
C PHE A 1050 -1.37 20.03 0.16
N VAL A 1051 -1.78 19.01 0.91
CA VAL A 1051 -0.93 17.89 1.27
C VAL A 1051 -1.68 16.60 0.95
N PHE A 1052 -0.98 15.63 0.36
CA PHE A 1052 -1.59 14.37 -0.01
C PHE A 1052 -1.05 13.24 0.86
N GLY A 1053 -1.84 12.18 0.97
CA GLY A 1053 -1.46 11.03 1.76
C GLY A 1053 -0.63 10.01 0.99
N GLU A 1054 -1.16 9.53 -0.13
CA GLU A 1054 -0.50 8.51 -0.93
C GLU A 1054 -0.49 8.93 -2.39
N LYS A 1055 0.50 8.42 -3.12
CA LYS A 1055 0.64 8.67 -4.56
C LYS A 1055 0.44 7.34 -5.29
N ILE A 1056 -0.83 7.02 -5.58
CA ILE A 1056 -1.14 5.80 -6.29
C ILE A 1056 -0.82 5.97 -7.77
N ARG A 1057 -0.74 4.84 -8.48
CA ARG A 1057 -0.42 4.76 -9.89
C ARG A 1057 1.04 5.13 -10.14
N THR A 1058 1.65 4.49 -11.14
CA THR A 1058 3.10 4.60 -11.33
C THR A 1058 3.50 6.01 -11.74
N ARG A 1059 2.80 6.60 -12.70
CA ARG A 1059 3.27 7.85 -13.30
C ARG A 1059 2.78 9.09 -12.55
N ALA A 1060 2.86 9.04 -11.22
CA ALA A 1060 2.61 10.17 -10.32
C ALA A 1060 1.47 11.07 -10.80
N VAL A 1061 0.34 10.45 -11.14
CA VAL A 1061 -0.84 11.19 -11.58
C VAL A 1061 -1.83 11.40 -10.45
N SER A 1062 -2.12 10.36 -9.67
CA SER A 1062 -3.17 10.43 -8.66
C SER A 1062 -2.55 10.58 -7.28
N CYS A 1063 -2.90 11.66 -6.59
CA CYS A 1063 -2.51 11.88 -5.21
C CYS A 1063 -3.71 11.61 -4.32
N LYS A 1064 -3.46 10.97 -3.18
CA LYS A 1064 -4.52 10.55 -2.28
C LYS A 1064 -4.49 11.35 -1.00
N GLN A 1065 -5.66 11.47 -0.37
CA GLN A 1065 -5.82 12.11 0.94
C GLN A 1065 -5.35 13.57 0.90
N LEU A 1066 -6.04 14.37 0.08
CA LEU A 1066 -5.71 15.77 -0.08
C LEU A 1066 -6.45 16.62 0.94
N SER A 1067 -5.72 17.49 1.62
CA SER A 1067 -6.30 18.47 2.54
C SER A 1067 -5.49 19.74 2.45
N MET A 1068 -6.16 20.87 2.31
CA MET A 1068 -5.46 22.14 2.22
C MET A 1068 -4.74 22.45 3.53
N VAL A 1069 -3.63 23.19 3.41
CA VAL A 1069 -2.76 23.46 4.54
C VAL A 1069 -2.58 24.97 4.70
N SER A 1070 -2.34 25.39 5.92
CA SER A 1070 -2.14 26.80 6.20
CA SER A 1070 -2.14 26.80 6.20
C SER A 1070 -0.87 27.29 5.53
N PRO A 1071 -0.84 28.54 5.04
CA PRO A 1071 0.37 29.04 4.38
C PRO A 1071 1.52 29.28 5.34
N LEU A 1072 1.28 29.30 6.65
CA LEU A 1072 2.31 29.63 7.62
C LEU A 1072 3.33 28.53 7.82
N GLN A 1073 3.14 27.37 7.19
CA GLN A 1073 4.08 26.27 7.35
C GLN A 1073 5.45 26.66 6.86
N VAL A 1074 5.59 26.89 5.55
CA VAL A 1074 6.84 27.33 4.94
C VAL A 1074 8.01 26.53 5.50
N ILE A 1075 8.53 26.97 6.64
CA ILE A 1075 9.58 26.26 7.34
C ILE A 1075 9.13 25.75 8.71
N LEU A 1076 8.02 26.25 9.26
CA LEU A 1076 7.43 25.71 10.48
C LEU A 1076 7.38 24.18 10.43
N PHE A 1077 6.60 23.66 9.47
CA PHE A 1077 6.59 22.24 9.14
C PHE A 1077 6.80 22.14 7.63
N GLY A 1078 8.06 22.23 7.21
CA GLY A 1078 8.36 22.18 5.78
C GLY A 1078 9.64 21.46 5.43
N SER A 1079 10.36 20.95 6.44
CA SER A 1079 11.63 20.27 6.22
C SER A 1079 12.11 19.70 7.54
N ARG A 1080 13.06 18.77 7.46
CA ARG A 1080 13.73 18.26 8.65
C ARG A 1080 14.73 19.25 9.22
N LYS A 1081 15.28 20.13 8.39
CA LYS A 1081 16.33 21.04 8.80
C LYS A 1081 16.01 22.44 8.29
N ILE A 1082 16.53 23.44 8.98
CA ILE A 1082 16.28 24.83 8.61
C ILE A 1082 16.81 25.09 7.20
N ASP A 1083 16.04 25.85 6.42
CA ASP A 1083 16.41 26.21 5.06
C ASP A 1083 16.50 27.72 4.95
N LEU A 1084 17.71 28.22 4.74
CA LEU A 1084 17.96 29.65 4.64
C LEU A 1084 18.54 29.96 3.26
N ALA A 1085 17.94 30.93 2.57
CA ALA A 1085 18.38 31.36 1.26
C ALA A 1085 18.71 32.85 1.29
N ALA A 1086 19.02 33.40 0.12
CA ALA A 1086 19.46 34.78 0.00
C ALA A 1086 18.50 35.59 -0.88
N ASN A 1087 18.87 36.84 -1.13
CA ASN A 1087 18.14 37.80 -1.96
C ASN A 1087 16.63 37.78 -1.71
N ASN A 1088 16.24 37.74 -0.44
CA ASN A 1088 14.85 37.89 -0.01
C ASN A 1088 13.94 36.84 -0.65
N ILE A 1089 14.45 35.62 -0.72
CA ILE A 1089 13.71 34.47 -1.22
C ILE A 1089 13.83 33.34 -0.22
N VAL A 1090 12.71 32.70 0.10
CA VAL A 1090 12.68 31.58 1.04
C VAL A 1090 12.65 30.28 0.25
N ARG A 1091 13.56 29.37 0.57
CA ARG A 1091 13.63 28.07 -0.09
C ARG A 1091 12.91 27.04 0.77
N VAL A 1092 11.93 26.35 0.19
CA VAL A 1092 11.17 25.31 0.87
C VAL A 1092 11.35 24.02 0.09
N ASP A 1093 12.21 23.13 0.62
CA ASP A 1093 12.47 21.83 0.00
C ASP A 1093 12.99 21.96 -1.42
N ASN A 1094 13.57 23.12 -1.74
CA ASN A 1094 14.17 23.42 -3.04
C ASN A 1094 13.17 23.33 -4.20
N TRP A 1095 11.86 23.23 -3.89
CA TRP A 1095 10.83 23.23 -4.92
C TRP A 1095 9.70 24.20 -4.65
N LEU A 1096 9.60 24.74 -3.44
CA LEU A 1096 8.56 25.69 -3.07
C LEU A 1096 9.20 26.99 -2.62
N ASN A 1097 8.60 28.11 -3.02
CA ASN A 1097 9.16 29.43 -2.77
C ASN A 1097 8.18 30.27 -1.97
N PHE A 1098 8.73 31.05 -1.04
CA PHE A 1098 7.98 32.06 -0.31
C PHE A 1098 8.78 33.36 -0.29
N ASP A 1099 8.07 34.47 -0.26
CA ASP A 1099 8.68 35.81 -0.31
C ASP A 1099 8.57 36.44 1.09
N ILE A 1100 9.58 36.16 1.91
CA ILE A 1100 9.65 36.68 3.28
C ILE A 1100 11.05 37.24 3.51
N GLU A 1101 11.13 38.35 4.23
CA GLU A 1101 12.41 38.86 4.67
C GLU A 1101 13.10 37.81 5.55
N PRO A 1102 14.43 37.71 5.48
CA PRO A 1102 15.10 36.55 6.10
C PRO A 1102 14.86 36.40 7.59
N GLU A 1103 14.68 37.50 8.32
CA GLU A 1103 14.62 37.41 9.78
C GLU A 1103 13.33 36.72 10.25
N LEU A 1104 12.19 37.04 9.63
CA LEU A 1104 10.94 36.42 10.04
C LEU A 1104 10.94 34.93 9.75
N ALA A 1105 11.42 34.53 8.58
CA ALA A 1105 11.55 33.11 8.27
C ALA A 1105 12.53 32.45 9.23
N ALA A 1106 13.62 33.14 9.58
CA ALA A 1106 14.59 32.58 10.50
C ALA A 1106 13.98 32.29 11.86
N LYS A 1107 13.20 33.24 12.39
CA LYS A 1107 12.62 32.98 13.71
C LYS A 1107 11.47 31.99 13.65
N ILE A 1108 10.70 31.96 12.56
CA ILE A 1108 9.61 30.98 12.50
C ILE A 1108 10.16 29.57 12.29
N GLY A 1109 11.36 29.46 11.71
CA GLY A 1109 11.97 28.15 11.54
C GLY A 1109 12.92 27.71 12.62
N ALA A 1110 13.37 28.65 13.47
CA ALA A 1110 14.31 28.30 14.54
C ALA A 1110 13.67 27.54 15.68
N LEU A 1111 12.39 27.17 15.57
CA LEU A 1111 11.72 26.40 16.61
C LEU A 1111 11.83 24.89 16.39
N LYS A 1112 12.58 24.46 15.37
CA LYS A 1112 12.89 23.04 15.26
C LYS A 1112 13.62 22.51 16.49
N PRO A 1113 14.68 23.16 17.00
CA PRO A 1113 15.21 22.73 18.30
C PRO A 1113 14.17 22.80 19.39
N ALA A 1114 13.29 23.81 19.36
CA ALA A 1114 12.24 23.91 20.37
C ALA A 1114 11.30 22.72 20.31
N LEU A 1115 10.86 22.33 19.11
CA LEU A 1115 9.92 21.23 19.01
C LEU A 1115 10.57 19.90 19.36
N GLU A 1116 11.83 19.68 18.95
CA GLU A 1116 12.47 18.43 19.31
C GLU A 1116 12.73 18.35 20.81
N ASP A 1117 13.08 19.48 21.45
CA ASP A 1117 13.21 19.49 22.90
C ASP A 1117 11.87 19.24 23.57
N LEU A 1118 10.78 19.78 23.01
CA LEU A 1118 9.45 19.53 23.54
C LEU A 1118 9.12 18.04 23.49
N ILE A 1119 9.43 17.40 22.35
CA ILE A 1119 9.16 15.97 22.22
C ILE A 1119 10.03 15.18 23.19
N THR A 1120 11.29 15.60 23.37
CA THR A 1120 12.17 14.93 24.30
C THR A 1120 11.65 15.03 25.73
N VAL A 1121 11.15 16.20 26.11
CA VAL A 1121 10.57 16.37 27.44
C VAL A 1121 9.32 15.51 27.58
N ALA A 1122 8.48 15.50 26.55
CA ALA A 1122 7.24 14.74 26.62
C ALA A 1122 7.51 13.24 26.79
N CYS A 1123 8.45 12.70 26.03
CA CYS A 1123 8.79 11.29 26.19
C CYS A 1123 9.55 11.04 27.48
N ASP A 1124 10.28 12.04 27.98
CA ASP A 1124 10.99 11.90 29.24
C ASP A 1124 10.04 11.87 30.42
N ASN A 1125 9.06 12.77 30.43
CA ASN A 1125 8.11 12.91 31.53
C ASN A 1125 6.70 12.93 30.98
N PRO A 1126 6.16 11.76 30.60
CA PRO A 1126 4.77 11.72 30.12
C PRO A 1126 3.74 12.06 31.18
N SER A 1127 4.10 11.98 32.47
CA SER A 1127 3.13 12.14 33.54
C SER A 1127 2.66 13.58 33.73
N ASP A 1128 3.42 14.56 33.26
CA ASP A 1128 3.07 15.97 33.45
C ASP A 1128 3.03 16.69 32.11
N ILE A 1129 2.40 16.06 31.11
CA ILE A 1129 2.32 16.65 29.78
C ILE A 1129 1.44 17.90 29.80
N LEU A 1130 0.35 17.87 30.57
CA LEU A 1130 -0.51 19.05 30.66
C LEU A 1130 0.20 20.20 31.38
N ARG A 1131 0.98 19.91 32.41
CA ARG A 1131 1.66 20.91 33.21
C ARG A 1131 3.13 20.92 32.79
N LEU A 1132 3.43 21.66 31.74
CA LEU A 1132 4.77 21.74 31.20
C LEU A 1132 5.56 22.86 31.87
N GLU A 1133 6.87 22.87 31.61
CA GLU A 1133 7.72 23.92 32.11
C GLU A 1133 7.31 25.24 31.46
N GLU A 1134 7.33 26.32 32.25
CA GLU A 1134 6.63 27.54 31.87
C GLU A 1134 7.10 28.12 30.54
N PRO A 1135 8.39 28.25 30.26
CA PRO A 1135 8.79 28.61 28.88
C PRO A 1135 8.25 27.65 27.84
N TYR A 1136 8.26 26.34 28.11
CA TYR A 1136 7.69 25.39 27.17
C TYR A 1136 6.18 25.54 27.09
N ALA A 1137 5.53 25.88 28.20
CA ALA A 1137 4.09 26.12 28.18
C ALA A 1137 3.74 27.28 27.27
N GLN A 1138 4.50 28.38 27.36
CA GLN A 1138 4.21 29.52 26.50
C GLN A 1138 4.64 29.27 25.06
N LEU A 1139 5.66 28.44 24.83
CA LEU A 1139 5.92 27.94 23.48
C LEU A 1139 4.69 27.24 22.92
N VAL A 1140 4.10 26.32 23.69
CA VAL A 1140 2.91 25.60 23.23
C VAL A 1140 1.78 26.57 22.96
N LYS A 1141 1.56 27.53 23.86
CA LYS A 1141 0.49 28.49 23.67
C LYS A 1141 0.68 29.31 22.40
N VAL A 1142 1.90 29.81 22.18
CA VAL A 1142 2.13 30.69 21.03
C VAL A 1142 2.05 29.90 19.73
N VAL A 1143 2.52 28.65 19.72
CA VAL A 1143 2.43 27.88 18.49
C VAL A 1143 0.99 27.46 18.21
N LYS A 1144 0.19 27.26 19.25
CA LYS A 1144 -1.25 27.10 19.05
C LYS A 1144 -1.85 28.36 18.44
N ASP A 1145 -1.43 29.52 18.92
CA ASP A 1145 -1.99 30.78 18.45
C ASP A 1145 -1.64 31.05 16.99
N LEU A 1146 -0.38 30.80 16.60
CA LEU A 1146 0.06 31.21 15.27
C LEU A 1146 -0.49 30.31 14.17
N CYS A 1147 -0.73 29.03 14.47
CA CYS A 1147 -1.10 28.06 13.46
C CYS A 1147 -2.58 28.10 13.09
N VAL A 1148 -3.28 29.20 13.39
CA VAL A 1148 -4.69 29.30 13.04
C VAL A 1148 -4.84 29.32 11.53
N LYS A 1149 -5.92 28.69 11.05
CA LYS A 1149 -6.19 28.65 9.61
C LYS A 1149 -6.23 30.05 9.01
N SER A 1150 -7.02 30.94 9.59
CA SER A 1150 -7.13 32.31 9.10
C SER A 1150 -6.23 33.23 9.94
N ALA A 1151 -4.92 33.04 9.76
CA ALA A 1151 -3.93 33.82 10.47
C ALA A 1151 -2.99 34.58 9.56
N GLY A 1152 -2.61 34.00 8.42
CA GLY A 1152 -1.67 34.64 7.52
C GLY A 1152 -2.31 35.60 6.54
N ASP A 1153 -3.31 36.36 6.99
CA ASP A 1153 -4.04 37.29 6.14
C ASP A 1153 -4.21 38.67 6.76
N PHE A 1154 -3.48 38.99 7.83
CA PHE A 1154 -3.63 40.27 8.48
C PHE A 1154 -3.18 41.41 7.57
N GLY A 1155 -3.87 42.55 7.67
CA GLY A 1155 -3.50 43.73 6.93
C GLY A 1155 -3.99 43.76 5.50
N LEU A 1156 -4.15 42.59 4.90
CA LEU A 1156 -4.55 42.48 3.50
C LEU A 1156 -5.26 41.15 3.31
N GLN A 1157 -6.59 41.21 3.19
CA GLN A 1157 -7.36 39.97 2.99
C GLN A 1157 -7.07 39.37 1.62
N ARG A 1158 -7.12 40.18 0.57
CA ARG A 1158 -6.84 39.74 -0.79
C ARG A 1158 -6.18 40.85 -1.61
PB ADP C . -0.34 -22.13 3.37
O1B ADP C . 0.93 -22.18 4.18
O2B ADP C . -0.14 -21.80 1.92
O3B ADP C . -1.47 -21.37 4.03
PA ADP C . -2.11 -24.12 2.44
O1A ADP C . -1.73 -25.39 1.73
O2A ADP C . -2.57 -22.93 1.61
O3A ADP C . -0.89 -23.64 3.38
O5' ADP C . -3.28 -24.42 3.49
C5' ADP C . -4.59 -23.93 3.26
C4' ADP C . -5.52 -25.13 3.13
O4' ADP C . -6.76 -24.90 3.80
C3' ADP C . -5.87 -25.42 1.68
O3' ADP C . -5.04 -26.45 1.16
C2' ADP C . -7.32 -25.84 1.70
O2' ADP C . -7.42 -27.22 1.33
C1' ADP C . -7.78 -25.67 3.14
N9 ADP C . -9.08 -24.95 3.18
C8 ADP C . -9.27 -23.63 3.04
N7 ADP C . -10.58 -23.31 3.12
C5 ADP C . -11.26 -24.45 3.30
C6 ADP C . -12.68 -24.83 3.47
N6 ADP C . -13.66 -23.90 3.45
N1 ADP C . -12.97 -26.15 3.63
C2 ADP C . -12.00 -27.08 3.65
N3 ADP C . -10.69 -26.81 3.51
C4 ADP C . -10.26 -25.54 3.33
#